data_2VLH
#
_entry.id   2VLH
#
_cell.length_a   132.886
_cell.length_b   143.284
_cell.length_c   59.665
_cell.angle_alpha   90.00
_cell.angle_beta   90.00
_cell.angle_gamma   90.00
#
_symmetry.space_group_name_H-M   'P 21 21 2'
#
loop_
_entity.id
_entity.type
_entity.pdbx_description
1 polymer 'TYROSINE PHENOL-LYASE'
2 non-polymer '(2E)-2-{[(Z)-{3-HYDROXY-2-METHYL-5-[(PHOSPHONOOXY)METHYL]PYRIDIN-4(1H)-YLIDENE}METHYL]IMINO}-4-(METHYLSULFANYL)BUTANOIC ACID'
3 non-polymer 'POTASSIUM ION'
4 non-polymer 'TRIETHYLENE GLYCOL'
5 non-polymer 3,6,9,12,15,18-HEXAOXAICOSANE-1,20-DIOL
6 non-polymer "PYRIDOXAL-5'-PHOSPHATE"
7 water water
#
_entity_poly.entity_id   1
_entity_poly.type   'polypeptide(L)'
_entity_poly.pdbx_seq_one_letter_code
;MNYPAEPFRIKSVETVSMIPRDERLKKMQEAGYNTFLLNSKDIYIDLLTDSGTNAMSDKQWAGMMMGDEAYAGSENFYHL
ERTVQELFGFKHIVPTHQGRGAENLLSQLAIKPGQYVAGNMYFTTTRYHQEKNGAVFVDIVRDEAHDAGLNIAFKGDIDL
KKLQKLIDEKGAENIAYICLAVTVNLAGGQPVSMANMRAVRELTEAHGIKVFYDATRCVENAYFIKEQEQGFENKSIAEI
VHEMFSYADGCTMSGKKDCLVNIGGFLCMNDDEMFSSAKELVVVYEGMPSYGGLAGRDMEAMAIGLREAMQYEYIEHRVK
QVRYLGDKLKAAGVPIVEPVGGHAVFLDARRFCEHLTQDEFPAQSLAASIYVETGVRSMERGIISAGRNNVTGEHHRPKL
ETVRLTIPRRVYTYAHMDVVADGIIKLYQHKEDIRGLKFIYEPKQLRFFTARFDYI
;
_entity_poly.pdbx_strand_id   A,B
#
# COMPACT_ATOMS: atom_id res chain seq x y z
N MET A 1 18.82 -29.34 19.40
CA MET A 1 18.10 -29.24 20.70
C MET A 1 16.59 -29.15 20.43
N ASN A 2 15.77 -29.67 21.35
CA ASN A 2 14.31 -29.60 21.22
C ASN A 2 13.86 -28.16 21.21
N TYR A 3 14.19 -27.46 22.29
CA TYR A 3 13.71 -26.08 22.40
C TYR A 3 14.88 -25.14 22.69
N PRO A 4 15.50 -24.63 21.62
CA PRO A 4 16.62 -23.70 21.79
C PRO A 4 16.17 -22.36 22.40
N ALA A 5 17.06 -21.68 23.11
CA ALA A 5 16.75 -20.34 23.63
C ALA A 5 16.71 -19.32 22.48
N GLU A 6 16.18 -18.13 22.75
CA GLU A 6 16.08 -17.08 21.71
C GLU A 6 17.49 -16.73 21.24
N PRO A 7 17.76 -16.81 19.92
CA PRO A 7 19.08 -16.46 19.38
C PRO A 7 19.21 -14.96 19.14
N PHE A 8 18.83 -14.19 20.16
CA PHE A 8 18.89 -12.73 20.15
C PHE A 8 18.61 -12.29 21.60
N ARG A 9 18.82 -11.01 21.86
CA ARG A 9 18.43 -10.43 23.15
C ARG A 9 17.27 -9.50 22.87
N ILE A 10 16.56 -9.14 23.94
CA ILE A 10 15.55 -8.13 23.89
C ILE A 10 16.22 -6.76 23.87
N LYS A 11 15.97 -5.98 22.80
CA LYS A 11 16.44 -4.60 22.73
C LYS A 11 15.46 -3.61 23.35
N SER A 12 14.18 -3.79 23.05
CA SER A 12 13.13 -2.96 23.63
C SER A 12 11.87 -3.78 23.83
N VAL A 13 10.99 -3.28 24.71
CA VAL A 13 9.82 -4.04 25.13
C VAL A 13 8.56 -3.17 24.93
N GLU A 14 7.39 -3.81 24.89
CA GLU A 14 6.11 -3.11 25.13
C GLU A 14 5.25 -3.83 26.17
N THR A 15 4.59 -3.08 27.05
CA THR A 15 3.79 -3.64 28.17
C THR A 15 2.61 -4.56 27.71
N VAL A 16 2.33 -5.66 28.42
CA VAL A 16 1.11 -6.47 28.15
C VAL A 16 0.24 -6.58 29.40
N SER A 17 -1.08 -6.62 29.23
CA SER A 17 -1.99 -6.79 30.37
C SER A 17 -3.27 -7.51 30.00
N MET A 18 -3.88 -8.12 31.00
CA MET A 18 -5.18 -8.75 30.84
C MET A 18 -6.27 -7.95 31.57
N ILE A 19 -7.36 -7.68 30.86
CA ILE A 19 -8.61 -7.13 31.41
C ILE A 19 -9.54 -8.29 31.91
N PRO A 20 -10.31 -8.05 32.99
CA PRO A 20 -11.09 -9.16 33.61
C PRO A 20 -11.99 -9.96 32.68
N ARG A 21 -12.35 -11.16 33.12
CA ARG A 21 -13.24 -11.98 32.32
C ARG A 21 -14.50 -11.21 31.93
N ASP A 22 -15.19 -10.60 32.88
CA ASP A 22 -16.42 -9.89 32.53
C ASP A 22 -16.26 -8.70 31.57
N GLU A 23 -15.09 -8.05 31.48
CA GLU A 23 -15.00 -6.95 30.52
C GLU A 23 -14.80 -7.53 29.13
N ARG A 24 -13.93 -8.54 29.04
CA ARG A 24 -13.73 -9.37 27.85
C ARG A 24 -15.01 -9.93 27.26
N LEU A 25 -15.92 -10.39 28.14
CA LEU A 25 -17.22 -10.97 27.79
C LEU A 25 -18.07 -9.90 27.04
N LYS A 26 -18.12 -8.70 27.61
CA LYS A 26 -18.83 -7.59 27.01
C LYS A 26 -18.17 -7.23 25.68
N LYS A 27 -16.85 -7.06 25.69
CA LYS A 27 -16.01 -6.87 24.49
C LYS A 27 -16.26 -7.90 23.36
N MET A 28 -16.42 -9.19 23.72
CA MET A 28 -16.64 -10.25 22.70
C MET A 28 -18.01 -10.11 22.04
N GLN A 29 -19.00 -9.69 22.81
CA GLN A 29 -20.33 -9.45 22.27
C GLN A 29 -20.31 -8.18 21.40
N GLU A 30 -19.58 -7.17 21.89
CA GLU A 30 -19.42 -5.85 21.25
C GLU A 30 -18.87 -6.00 19.82
N ALA A 31 -18.00 -7.01 19.65
CA ALA A 31 -17.33 -7.33 18.37
C ALA A 31 -18.05 -8.45 17.56
N GLY A 32 -19.32 -8.70 17.90
CA GLY A 32 -20.16 -9.64 17.14
C GLY A 32 -19.59 -11.03 17.15
N TYR A 33 -18.87 -11.37 18.24
CA TYR A 33 -18.20 -12.66 18.45
C TYR A 33 -17.18 -12.99 17.35
N ASN A 34 -16.71 -11.93 16.68
CA ASN A 34 -15.65 -12.08 15.73
C ASN A 34 -14.38 -11.54 16.37
N THR A 35 -13.39 -12.40 16.61
CA THR A 35 -12.10 -11.94 17.15
C THR A 35 -11.46 -10.77 16.41
N PHE A 36 -11.60 -10.74 15.09
CA PHE A 36 -11.01 -9.69 14.26
C PHE A 36 -11.49 -8.34 14.71
N LEU A 37 -12.65 -8.34 15.38
CA LEU A 37 -13.29 -7.07 15.71
C LEU A 37 -12.97 -6.53 17.13
N LEU A 38 -12.20 -7.28 17.95
CA LEU A 38 -11.64 -6.71 19.22
C LEU A 38 -10.48 -5.68 19.00
N ASN A 39 -10.21 -4.88 20.04
CA ASN A 39 -9.21 -3.81 20.07
C ASN A 39 -7.92 -4.32 20.69
N SER A 40 -6.79 -3.91 20.11
CA SER A 40 -5.44 -4.31 20.54
C SER A 40 -5.19 -4.08 22.01
N LYS A 41 -5.68 -2.94 22.48
CA LYS A 41 -5.59 -2.61 23.90
C LYS A 41 -6.27 -3.68 24.77
N ASP A 42 -7.33 -4.33 24.25
CA ASP A 42 -8.13 -5.30 25.06
C ASP A 42 -7.63 -6.75 24.97
N ILE A 43 -6.56 -6.96 24.23
CA ILE A 43 -5.96 -8.27 24.06
C ILE A 43 -4.71 -8.39 24.92
N TYR A 44 -4.56 -9.50 25.63
CA TYR A 44 -3.37 -9.75 26.45
C TYR A 44 -2.12 -10.28 25.67
N ILE A 45 -2.28 -11.41 24.99
CA ILE A 45 -1.21 -11.98 24.13
C ILE A 45 -1.92 -12.10 22.79
N ASP A 46 -1.41 -11.43 21.76
CA ASP A 46 -2.16 -11.30 20.51
C ASP A 46 -1.63 -12.26 19.43
N LEU A 47 -2.33 -13.40 19.31
CA LEU A 47 -1.96 -14.45 18.37
C LEU A 47 -2.96 -14.49 17.22
N LEU A 48 -3.58 -13.34 16.94
CA LEU A 48 -4.51 -13.24 15.80
C LEU A 48 -3.79 -13.63 14.50
N THR A 49 -2.57 -13.11 14.35
CA THR A 49 -1.81 -13.34 13.16
C THR A 49 -0.32 -13.08 13.32
N ASP A 50 0.48 -13.78 12.51
CA ASP A 50 1.92 -13.53 12.36
C ASP A 50 2.20 -12.52 11.22
N SER A 51 1.14 -11.90 10.70
CA SER A 51 1.26 -10.96 9.58
C SER A 51 1.47 -9.54 10.09
N GLY A 52 2.67 -8.99 9.89
CA GLY A 52 2.89 -7.57 10.15
C GLY A 52 3.11 -7.26 11.62
N THR A 53 3.17 -8.32 12.42
CA THR A 53 3.19 -8.15 13.89
C THR A 53 4.59 -8.49 14.45
N ASN A 54 5.55 -8.72 13.56
CA ASN A 54 6.90 -9.14 13.93
C ASN A 54 7.67 -8.05 14.68
N ALA A 55 8.60 -8.48 15.54
CA ALA A 55 9.55 -7.55 16.15
C ALA A 55 10.75 -7.39 15.21
N MET A 56 11.05 -6.14 14.87
CA MET A 56 12.21 -5.81 14.08
C MET A 56 13.45 -5.83 14.96
N SER A 57 14.61 -5.89 14.30
CA SER A 57 15.89 -5.84 15.02
C SER A 57 16.43 -4.40 15.15
N ASP A 58 17.46 -4.23 15.97
CA ASP A 58 18.22 -2.99 16.06
C ASP A 58 18.72 -2.55 14.68
N LYS A 59 19.19 -3.50 13.87
CA LYS A 59 19.68 -3.15 12.52
C LYS A 59 18.59 -2.66 11.60
N GLN A 60 17.43 -3.28 11.67
CA GLN A 60 16.31 -2.80 10.90
C GLN A 60 15.91 -1.40 11.37
N TRP A 61 15.94 -1.16 12.68
CA TRP A 61 15.54 0.13 13.22
C TRP A 61 16.58 1.21 12.84
N ALA A 62 17.86 0.84 12.79
CA ALA A 62 18.89 1.71 12.18
C ALA A 62 18.56 2.04 10.71
N GLY A 63 18.14 1.04 9.94
CA GLY A 63 17.68 1.27 8.57
C GLY A 63 16.45 2.17 8.53
N MET A 64 15.56 2.05 9.51
CA MET A 64 14.38 2.92 9.61
C MET A 64 14.73 4.41 9.72
N MET A 65 15.89 4.72 10.30
CA MET A 65 16.37 6.11 10.40
C MET A 65 17.02 6.61 9.13
N MET A 66 17.26 5.67 8.21
N MET A 66 17.28 5.73 8.18
CA MET A 66 17.96 5.94 6.97
CA MET A 66 17.96 6.17 6.97
C MET A 66 17.02 5.85 5.78
C MET A 66 17.06 6.06 5.76
N GLY A 67 15.76 6.22 6.00
CA GLY A 67 14.78 6.21 4.91
C GLY A 67 15.16 7.29 3.91
N ASP A 68 15.41 6.85 2.68
CA ASP A 68 15.66 7.78 1.58
C ASP A 68 14.29 7.84 0.87
N GLU A 69 13.57 8.93 1.10
CA GLU A 69 12.17 8.98 0.77
C GLU A 69 11.85 9.45 -0.64
N ALA A 70 12.86 9.46 -1.51
CA ALA A 70 12.71 9.94 -2.89
C ALA A 70 11.74 9.08 -3.68
N TYR A 71 11.04 9.76 -4.59
CA TYR A 71 9.97 9.18 -5.37
C TYR A 71 10.52 8.11 -6.32
N ALA A 72 11.76 8.33 -6.79
CA ALA A 72 12.45 7.44 -7.71
C ALA A 72 13.92 7.46 -7.33
N GLY A 73 14.60 6.31 -7.51
CA GLY A 73 16.05 6.26 -7.28
C GLY A 73 16.48 6.16 -5.83
N SER A 74 15.55 5.87 -4.91
CA SER A 74 15.88 5.72 -3.48
C SER A 74 16.93 4.62 -3.26
N GLU A 75 17.96 4.93 -2.49
CA GLU A 75 18.90 3.88 -2.03
C GLU A 75 18.20 2.67 -1.42
N ASN A 76 17.07 2.91 -0.73
CA ASN A 76 16.32 1.80 -0.15
C ASN A 76 15.72 0.85 -1.17
N PHE A 77 15.19 1.41 -2.26
CA PHE A 77 14.66 0.57 -3.34
C PHE A 77 15.81 -0.22 -3.95
N TYR A 78 16.95 0.44 -4.17
CA TYR A 78 18.08 -0.29 -4.74
C TYR A 78 18.49 -1.45 -3.83
N HIS A 79 18.50 -1.22 -2.52
N HIS A 79 18.54 -1.20 -2.51
CA HIS A 79 18.92 -2.28 -1.59
CA HIS A 79 18.89 -2.23 -1.52
C HIS A 79 17.91 -3.43 -1.54
C HIS A 79 17.92 -3.41 -1.62
N LEU A 80 16.62 -3.10 -1.57
CA LEU A 80 15.58 -4.15 -1.63
C LEU A 80 15.74 -4.99 -2.90
N GLU A 81 15.85 -4.30 -4.03
CA GLU A 81 15.96 -4.92 -5.33
C GLU A 81 17.14 -5.88 -5.36
N ARG A 82 18.32 -5.38 -4.99
CA ARG A 82 19.46 -6.27 -5.08
C ARG A 82 19.43 -7.41 -4.05
N THR A 83 18.80 -7.16 -2.90
CA THR A 83 18.66 -8.23 -1.89
C THR A 83 17.77 -9.37 -2.41
N VAL A 84 16.61 -9.02 -2.98
CA VAL A 84 15.67 -10.03 -3.48
C VAL A 84 16.28 -10.74 -4.70
N GLN A 85 16.89 -10.00 -5.62
CA GLN A 85 17.63 -10.67 -6.75
C GLN A 85 18.66 -11.67 -6.24
N GLU A 86 19.43 -11.27 -5.24
CA GLU A 86 20.49 -12.15 -4.68
C GLU A 86 19.91 -13.39 -3.99
N LEU A 87 18.92 -13.16 -3.13
CA LEU A 87 18.39 -14.21 -2.30
C LEU A 87 17.34 -15.10 -2.99
N PHE A 88 16.52 -14.55 -3.88
CA PHE A 88 15.46 -15.35 -4.51
C PHE A 88 15.84 -15.73 -5.92
N GLY A 89 16.69 -14.94 -6.56
CA GLY A 89 17.19 -15.29 -7.88
C GLY A 89 16.31 -14.86 -9.05
N PHE A 90 15.30 -14.02 -8.81
CA PHE A 90 14.48 -13.54 -9.91
C PHE A 90 15.11 -12.31 -10.55
N LYS A 91 14.83 -12.12 -11.84
CA LYS A 91 15.36 -11.04 -12.63
C LYS A 91 14.82 -9.67 -12.22
N HIS A 92 13.51 -9.59 -11.92
CA HIS A 92 12.82 -8.31 -11.71
C HIS A 92 11.98 -8.29 -10.44
N ILE A 93 11.86 -7.13 -9.83
CA ILE A 93 11.05 -6.98 -8.62
C ILE A 93 10.22 -5.69 -8.71
N VAL A 94 8.96 -5.78 -8.28
CA VAL A 94 8.05 -4.64 -8.20
C VAL A 94 7.57 -4.64 -6.74
N PRO A 95 7.95 -3.62 -5.96
CA PRO A 95 7.48 -3.58 -4.58
C PRO A 95 5.98 -3.30 -4.56
N THR A 96 5.31 -3.77 -3.51
CA THR A 96 3.89 -3.53 -3.33
C THR A 96 3.74 -3.27 -1.82
N HIS A 97 2.63 -2.69 -1.41
CA HIS A 97 2.55 -2.28 0.00
C HIS A 97 2.44 -3.53 0.87
N GLN A 98 1.84 -4.59 0.31
CA GLN A 98 1.83 -5.91 0.97
C GLN A 98 1.45 -7.01 -0.04
N GLY A 99 1.22 -8.23 0.45
CA GLY A 99 1.03 -9.38 -0.45
C GLY A 99 -0.17 -9.29 -1.38
N ARG A 100 -1.33 -8.89 -0.86
CA ARG A 100 -2.53 -8.84 -1.73
C ARG A 100 -2.41 -7.78 -2.83
N GLY A 101 -1.52 -6.78 -2.62
CA GLY A 101 -1.18 -5.82 -3.67
C GLY A 101 -0.48 -6.54 -4.83
N ALA A 102 0.46 -7.42 -4.47
CA ALA A 102 1.14 -8.25 -5.47
C ALA A 102 0.22 -9.25 -6.16
N GLU A 103 -0.71 -9.85 -5.40
CA GLU A 103 -1.69 -10.80 -5.98
C GLU A 103 -2.61 -10.10 -6.97
N ASN A 104 -2.98 -8.87 -6.66
CA ASN A 104 -3.81 -8.06 -7.54
C ASN A 104 -3.08 -7.90 -8.88
N LEU A 105 -1.79 -7.56 -8.84
CA LEU A 105 -1.02 -7.36 -10.07
C LEU A 105 -0.90 -8.68 -10.84
N LEU A 106 -0.44 -9.73 -10.16
CA LEU A 106 -0.30 -11.04 -10.80
C LEU A 106 -1.59 -11.52 -11.48
N SER A 107 -2.70 -11.49 -10.75
CA SER A 107 -3.98 -11.99 -11.26
C SER A 107 -4.47 -11.22 -12.50
N GLN A 108 -4.26 -9.90 -12.50
CA GLN A 108 -4.63 -9.05 -13.63
C GLN A 108 -3.67 -9.31 -14.80
N LEU A 109 -2.42 -9.61 -14.48
CA LEU A 109 -1.41 -9.77 -15.55
C LEU A 109 -1.46 -11.15 -16.21
N ALA A 110 -1.79 -12.19 -15.45
CA ALA A 110 -1.47 -13.55 -15.89
C ALA A 110 -2.68 -14.47 -16.20
N ILE A 111 -3.90 -13.96 -16.03
CA ILE A 111 -5.12 -14.77 -16.17
C ILE A 111 -5.98 -14.23 -17.31
N LYS A 112 -6.35 -15.10 -18.24
CA LYS A 112 -7.42 -14.82 -19.19
C LYS A 112 -8.71 -15.43 -18.61
N PRO A 113 -9.83 -14.67 -18.67
CA PRO A 113 -11.10 -15.18 -18.13
C PRO A 113 -11.47 -16.57 -18.67
N GLY A 114 -11.91 -17.45 -17.79
CA GLY A 114 -12.21 -18.82 -18.17
C GLY A 114 -11.08 -19.80 -17.92
N GLN A 115 -9.86 -19.28 -17.68
CA GLN A 115 -8.70 -20.11 -17.39
C GLN A 115 -8.77 -20.69 -16.00
N TYR A 116 -7.95 -21.71 -15.78
CA TYR A 116 -7.82 -22.35 -14.48
C TYR A 116 -6.52 -21.90 -13.80
N VAL A 117 -6.58 -21.70 -12.50
CA VAL A 117 -5.39 -21.54 -11.67
C VAL A 117 -5.42 -22.70 -10.70
N ALA A 118 -4.38 -23.51 -10.71
CA ALA A 118 -4.28 -24.65 -9.81
C ALA A 118 -3.25 -24.39 -8.74
N GLY A 119 -3.57 -24.75 -7.50
CA GLY A 119 -2.72 -24.43 -6.34
C GLY A 119 -2.79 -25.52 -5.30
N ASN A 120 -1.83 -25.50 -4.39
CA ASN A 120 -1.80 -26.41 -3.26
C ASN A 120 -2.60 -25.84 -2.09
N MET A 121 -3.92 -26.00 -2.21
CA MET A 121 -4.93 -25.50 -1.27
C MET A 121 -5.12 -24.02 -1.51
N TYR A 122 -6.28 -23.49 -1.16
CA TYR A 122 -6.58 -22.11 -1.47
C TYR A 122 -6.00 -21.23 -0.36
N PHE A 123 -5.80 -19.96 -0.67
CA PHE A 123 -5.78 -18.93 0.36
C PHE A 123 -6.80 -17.81 0.03
N THR A 124 -7.29 -17.16 1.09
CA THR A 124 -8.45 -16.25 1.02
C THR A 124 -8.27 -15.13 -0.03
N THR A 125 -7.25 -14.30 0.14
CA THR A 125 -7.06 -13.15 -0.77
C THR A 125 -6.57 -13.62 -2.16
N THR A 126 -5.69 -14.62 -2.16
CA THR A 126 -5.20 -15.21 -3.41
C THR A 126 -6.36 -15.72 -4.30
N ARG A 127 -7.25 -16.53 -3.72
CA ARG A 127 -8.38 -17.09 -4.47
C ARG A 127 -9.31 -15.97 -4.91
N TYR A 128 -9.50 -14.98 -4.04
CA TYR A 128 -10.40 -13.90 -4.42
C TYR A 128 -9.92 -13.13 -5.64
N HIS A 129 -8.62 -12.83 -5.70
CA HIS A 129 -8.03 -12.15 -6.86
C HIS A 129 -7.98 -13.03 -8.13
N GLN A 130 -7.80 -14.34 -7.93
CA GLN A 130 -7.91 -15.31 -9.01
C GLN A 130 -9.32 -15.24 -9.62
N GLU A 131 -10.34 -15.37 -8.75
CA GLU A 131 -11.72 -15.45 -9.16
C GLU A 131 -12.28 -14.14 -9.76
N LYS A 132 -11.91 -13.01 -9.13
CA LYS A 132 -12.22 -11.63 -9.59
C LYS A 132 -11.76 -11.41 -11.04
N ASN A 133 -10.64 -12.03 -11.39
CA ASN A 133 -10.10 -11.88 -12.72
C ASN A 133 -10.53 -12.99 -13.68
N GLY A 134 -11.49 -13.80 -13.23
CA GLY A 134 -12.18 -14.75 -14.12
C GLY A 134 -11.62 -16.16 -14.16
N ALA A 135 -10.69 -16.45 -13.25
CA ALA A 135 -10.13 -17.81 -13.10
C ALA A 135 -10.99 -18.70 -12.24
N VAL A 136 -10.94 -20.00 -12.56
CA VAL A 136 -11.47 -21.07 -11.72
C VAL A 136 -10.32 -21.67 -10.91
N PHE A 137 -10.43 -21.67 -9.58
CA PHE A 137 -9.44 -22.30 -8.73
C PHE A 137 -9.61 -23.81 -8.70
N VAL A 138 -8.51 -24.54 -8.92
CA VAL A 138 -8.48 -26.00 -8.80
C VAL A 138 -7.47 -26.33 -7.70
N ASP A 139 -7.91 -27.10 -6.70
CA ASP A 139 -7.03 -27.51 -5.62
C ASP A 139 -6.29 -28.79 -6.04
N ILE A 140 -4.96 -28.72 -6.07
CA ILE A 140 -4.18 -29.88 -6.49
C ILE A 140 -3.23 -30.37 -5.40
N VAL A 141 -3.44 -29.92 -4.16
CA VAL A 141 -2.66 -30.43 -3.03
C VAL A 141 -3.05 -31.91 -2.81
N ARG A 142 -2.14 -32.72 -2.28
CA ARG A 142 -2.48 -34.09 -1.87
C ARG A 142 -3.68 -34.14 -0.91
N ASP A 143 -4.49 -35.19 -1.02
CA ASP A 143 -5.63 -35.38 -0.11
C ASP A 143 -5.24 -35.29 1.35
N GLU A 144 -4.06 -35.82 1.67
CA GLU A 144 -3.61 -35.88 3.07
C GLU A 144 -3.53 -34.53 3.77
N ALA A 145 -3.28 -33.46 3.00
CA ALA A 145 -3.24 -32.10 3.56
C ALA A 145 -4.59 -31.66 4.15
N HIS A 146 -5.67 -32.27 3.69
CA HIS A 146 -7.02 -31.97 4.21
C HIS A 146 -7.40 -32.75 5.45
N ASP A 147 -6.51 -33.65 5.88
CA ASP A 147 -6.73 -34.49 7.03
C ASP A 147 -5.90 -33.95 8.19
N ALA A 148 -6.57 -33.22 9.10
CA ALA A 148 -5.97 -32.46 10.22
C ALA A 148 -5.03 -33.27 11.10
N GLY A 149 -5.49 -34.44 11.51
CA GLY A 149 -4.76 -35.24 12.50
C GLY A 149 -3.65 -36.10 11.93
N LEU A 150 -3.61 -36.20 10.61
CA LEU A 150 -2.65 -37.09 9.93
C LEU A 150 -1.23 -36.53 9.92
N ASN A 151 -0.35 -37.16 10.69
CA ASN A 151 1.03 -36.68 10.83
C ASN A 151 1.95 -37.23 9.74
N ILE A 152 2.03 -36.48 8.65
CA ILE A 152 2.97 -36.80 7.58
C ILE A 152 3.78 -35.56 7.19
N ALA A 153 5.01 -35.79 6.77
CA ALA A 153 5.90 -34.73 6.39
C ALA A 153 5.47 -34.13 5.04
N PHE A 154 5.83 -32.87 4.83
CA PHE A 154 5.65 -32.18 3.54
C PHE A 154 4.20 -32.28 3.02
N LYS A 155 3.26 -32.01 3.95
CA LYS A 155 1.83 -32.04 3.66
C LYS A 155 1.43 -31.03 2.60
N GLY A 156 2.27 -30.01 2.38
CA GLY A 156 1.94 -28.96 1.42
C GLY A 156 2.14 -29.37 -0.02
N ASP A 157 2.80 -30.53 -0.23
CA ASP A 157 3.17 -31.00 -1.56
C ASP A 157 1.97 -31.09 -2.51
N ILE A 158 2.21 -30.67 -3.76
CA ILE A 158 1.25 -30.88 -4.85
C ILE A 158 1.21 -32.36 -5.23
N ASP A 159 0.00 -32.86 -5.42
CA ASP A 159 -0.23 -34.18 -5.99
C ASP A 159 -0.03 -34.10 -7.50
N LEU A 160 1.08 -34.66 -7.98
CA LEU A 160 1.44 -34.56 -9.40
C LEU A 160 0.43 -35.25 -10.30
N LYS A 161 -0.26 -36.25 -9.75
CA LYS A 161 -1.30 -36.97 -10.48
C LYS A 161 -2.48 -36.03 -10.75
N LYS A 162 -2.80 -35.21 -9.75
CA LYS A 162 -3.86 -34.21 -9.86
C LYS A 162 -3.51 -33.11 -10.87
N LEU A 163 -2.24 -32.68 -10.86
CA LEU A 163 -1.76 -31.73 -11.86
C LEU A 163 -1.84 -32.32 -13.26
N GLN A 164 -1.34 -33.55 -13.42
CA GLN A 164 -1.42 -34.25 -14.71
C GLN A 164 -2.87 -34.34 -15.20
N LYS A 165 -3.77 -34.71 -14.31
CA LYS A 165 -5.19 -34.82 -14.66
C LYS A 165 -5.74 -33.48 -15.18
N LEU A 166 -5.40 -32.38 -14.49
CA LEU A 166 -5.83 -31.06 -14.92
C LEU A 166 -5.35 -30.72 -16.32
N ILE A 167 -4.07 -30.99 -16.58
CA ILE A 167 -3.51 -30.81 -17.93
C ILE A 167 -4.22 -31.65 -18.99
N ASP A 168 -4.45 -32.94 -18.73
CA ASP A 168 -5.13 -33.83 -19.71
C ASP A 168 -6.58 -33.43 -19.95
N GLU A 169 -7.27 -33.01 -18.89
CA GLU A 169 -8.69 -32.74 -19.01
C GLU A 169 -9.00 -31.35 -19.58
N LYS A 170 -8.23 -30.35 -19.19
CA LYS A 170 -8.48 -28.96 -19.59
C LYS A 170 -7.57 -28.46 -20.74
N GLY A 171 -6.37 -29.01 -20.83
CA GLY A 171 -5.40 -28.53 -21.81
C GLY A 171 -4.52 -27.49 -21.15
N ALA A 172 -3.24 -27.53 -21.46
CA ALA A 172 -2.25 -26.62 -20.88
C ALA A 172 -2.57 -25.15 -21.18
N GLU A 173 -3.14 -24.91 -22.36
CA GLU A 173 -3.45 -23.54 -22.81
C GLU A 173 -4.50 -22.84 -21.94
N ASN A 174 -5.32 -23.62 -21.26
CA ASN A 174 -6.39 -23.08 -20.43
C ASN A 174 -6.02 -23.00 -18.97
N ILE A 175 -4.77 -23.34 -18.65
CA ILE A 175 -4.24 -23.17 -17.31
C ILE A 175 -3.41 -21.90 -17.31
N ALA A 176 -3.87 -20.88 -16.57
CA ALA A 176 -3.14 -19.64 -16.51
C ALA A 176 -1.74 -19.83 -15.87
N TYR A 177 -1.71 -20.49 -14.72
CA TYR A 177 -0.47 -20.79 -14.01
C TYR A 177 -0.75 -21.70 -12.85
N ILE A 178 0.32 -22.27 -12.29
CA ILE A 178 0.22 -23.04 -11.05
C ILE A 178 0.62 -22.11 -9.94
N CYS A 179 -0.22 -22.00 -8.92
CA CYS A 179 0.10 -21.23 -7.72
C CYS A 179 0.66 -22.13 -6.62
N LEU A 180 1.98 -22.12 -6.45
CA LEU A 180 2.59 -23.00 -5.46
C LEU A 180 2.98 -22.20 -4.19
N ALA A 181 2.30 -22.45 -3.08
CA ALA A 181 2.53 -21.69 -1.87
C ALA A 181 3.46 -22.42 -0.94
N VAL A 182 4.40 -21.66 -0.36
CA VAL A 182 5.34 -22.14 0.66
C VAL A 182 5.39 -21.21 1.89
N THR A 183 5.15 -21.72 3.09
CA THR A 183 4.49 -22.99 3.40
C THR A 183 3.03 -22.84 2.98
N VAL A 184 2.24 -23.89 3.22
CA VAL A 184 0.81 -23.81 2.98
C VAL A 184 0.08 -23.44 4.30
N ASN A 185 -0.38 -22.20 4.34
CA ASN A 185 -0.96 -21.58 5.51
C ASN A 185 -2.18 -22.36 6.01
N LEU A 186 -3.14 -22.60 5.12
CA LEU A 186 -4.40 -23.17 5.57
C LEU A 186 -4.45 -24.67 5.84
N ALA A 187 -3.38 -25.36 5.47
CA ALA A 187 -3.17 -26.78 5.83
C ALA A 187 -2.52 -26.82 7.24
N GLY A 188 -2.20 -25.65 7.80
CA GLY A 188 -1.56 -25.58 9.12
C GLY A 188 -0.14 -25.07 9.09
N GLY A 189 0.26 -24.40 8.00
CA GLY A 189 1.65 -23.95 7.85
C GLY A 189 2.54 -25.08 7.42
N GLN A 190 2.03 -25.88 6.49
CA GLN A 190 2.69 -27.12 6.11
C GLN A 190 3.69 -26.91 4.95
N PRO A 191 4.90 -27.48 5.10
CA PRO A 191 5.94 -27.25 4.10
C PRO A 191 5.77 -28.08 2.81
N VAL A 192 6.45 -27.63 1.76
CA VAL A 192 6.54 -28.30 0.47
C VAL A 192 8.00 -28.73 0.33
N SER A 193 8.21 -29.94 -0.19
CA SER A 193 9.56 -30.47 -0.36
C SER A 193 10.19 -29.90 -1.62
N MET A 194 11.53 -29.82 -1.62
CA MET A 194 12.27 -29.48 -2.84
C MET A 194 11.97 -30.47 -3.96
N ALA A 195 11.88 -31.75 -3.62
CA ALA A 195 11.58 -32.79 -4.62
C ALA A 195 10.29 -32.45 -5.34
N ASN A 196 9.28 -31.99 -4.59
CA ASN A 196 7.99 -31.64 -5.19
C ASN A 196 8.08 -30.38 -6.09
N MET A 197 8.81 -29.39 -5.62
CA MET A 197 9.00 -28.15 -6.40
C MET A 197 9.69 -28.46 -7.72
N ARG A 198 10.65 -29.40 -7.68
CA ARG A 198 11.39 -29.77 -8.88
C ARG A 198 10.47 -30.54 -9.84
N ALA A 199 9.72 -31.49 -9.29
CA ALA A 199 8.77 -32.29 -10.06
C ALA A 199 7.71 -31.41 -10.73
N VAL A 200 7.18 -30.45 -9.98
CA VAL A 200 6.20 -29.50 -10.51
C VAL A 200 6.79 -28.67 -11.65
N ARG A 201 8.02 -28.20 -11.48
CA ARG A 201 8.67 -27.37 -12.50
C ARG A 201 8.88 -28.18 -13.78
N GLU A 202 9.33 -29.41 -13.60
CA GLU A 202 9.59 -30.28 -14.75
C GLU A 202 8.33 -30.59 -15.54
N LEU A 203 7.23 -30.84 -14.84
CA LEU A 203 5.98 -31.22 -15.50
C LEU A 203 5.34 -30.03 -16.21
N THR A 204 5.29 -28.90 -15.51
CA THR A 204 4.71 -27.68 -16.05
C THR A 204 5.52 -27.14 -17.23
N GLU A 205 6.85 -27.10 -17.07
CA GLU A 205 7.73 -26.61 -18.15
C GLU A 205 7.56 -27.37 -19.46
N ALA A 206 7.37 -28.68 -19.36
CA ALA A 206 7.19 -29.55 -20.54
C ALA A 206 5.93 -29.17 -21.32
N HIS A 207 4.94 -28.64 -20.59
CA HIS A 207 3.64 -28.22 -21.15
C HIS A 207 3.54 -26.71 -21.37
N GLY A 208 4.60 -25.98 -21.02
CA GLY A 208 4.64 -24.53 -21.23
C GLY A 208 3.81 -23.76 -20.22
N ILE A 209 3.58 -24.35 -19.05
CA ILE A 209 2.77 -23.71 -18.00
C ILE A 209 3.68 -23.01 -17.02
N LYS A 210 3.30 -21.79 -16.69
CA LYS A 210 4.02 -20.94 -15.75
C LYS A 210 3.72 -21.33 -14.29
N VAL A 211 4.71 -21.12 -13.43
CA VAL A 211 4.54 -21.42 -12.02
C VAL A 211 4.92 -20.17 -11.27
N PHE A 212 4.00 -19.69 -10.42
CA PHE A 212 4.28 -18.55 -9.56
C PHE A 212 4.13 -18.95 -8.11
N TYR A 213 5.15 -18.68 -7.31
CA TYR A 213 5.14 -19.09 -5.89
C TYR A 213 4.49 -18.01 -5.04
N ASP A 214 3.73 -18.43 -4.02
CA ASP A 214 3.40 -17.55 -2.92
C ASP A 214 4.53 -17.73 -1.92
N ALA A 215 5.41 -16.73 -1.86
CA ALA A 215 6.68 -16.82 -1.13
C ALA A 215 6.51 -16.50 0.34
N THR A 216 5.29 -16.15 0.74
CA THR A 216 5.01 -15.53 2.04
C THR A 216 5.72 -16.15 3.26
N ARG A 217 5.65 -17.47 3.42
CA ARG A 217 6.43 -18.15 4.49
C ARG A 217 7.53 -19.08 3.97
N CYS A 218 8.33 -18.57 3.03
CA CYS A 218 9.31 -19.41 2.35
C CYS A 218 10.50 -19.79 3.20
N VAL A 219 10.79 -18.98 4.19
CA VAL A 219 11.92 -19.25 5.06
C VAL A 219 11.56 -20.35 6.04
N GLU A 220 10.39 -20.26 6.66
CA GLU A 220 9.86 -21.37 7.46
C GLU A 220 9.90 -22.67 6.61
N ASN A 221 9.52 -22.53 5.35
CA ASN A 221 9.48 -23.70 4.48
C ASN A 221 10.89 -24.26 4.28
N ALA A 222 11.86 -23.37 4.07
CA ALA A 222 13.25 -23.77 3.90
C ALA A 222 13.77 -24.45 5.15
N TYR A 223 13.33 -23.99 6.33
CA TYR A 223 13.72 -24.62 7.59
C TYR A 223 13.30 -26.10 7.58
N PHE A 224 12.03 -26.37 7.21
CA PHE A 224 11.59 -27.75 7.20
C PHE A 224 12.37 -28.67 6.24
N ILE A 225 12.73 -28.12 5.07
CA ILE A 225 13.60 -28.84 4.11
C ILE A 225 14.95 -29.16 4.77
N LYS A 226 15.59 -28.14 5.35
CA LYS A 226 16.89 -28.36 6.02
C LYS A 226 16.76 -29.46 7.10
N GLU A 227 15.67 -29.39 7.86
CA GLU A 227 15.48 -30.29 9.01
C GLU A 227 15.12 -31.70 8.58
N GLN A 228 14.27 -31.84 7.56
CA GLN A 228 13.60 -33.14 7.26
C GLN A 228 13.82 -33.77 5.88
N GLU A 229 14.32 -33.02 4.91
CA GLU A 229 14.46 -33.59 3.57
C GLU A 229 15.87 -34.10 3.41
N GLN A 230 15.97 -35.40 3.17
CA GLN A 230 17.25 -36.08 3.01
C GLN A 230 18.14 -35.36 1.99
N GLY A 231 19.40 -35.15 2.36
CA GLY A 231 20.31 -34.47 1.47
C GLY A 231 20.34 -32.95 1.58
N PHE A 232 19.52 -32.36 2.43
CA PHE A 232 19.57 -30.91 2.61
C PHE A 232 20.16 -30.52 3.95
N GLU A 233 20.65 -31.52 4.70
CA GLU A 233 20.96 -31.29 6.11
C GLU A 233 22.19 -30.39 6.34
N ASN A 234 23.03 -30.26 5.33
CA ASN A 234 24.19 -29.41 5.39
C ASN A 234 24.15 -28.25 4.41
N LYS A 235 22.95 -27.96 3.86
CA LYS A 235 22.76 -26.78 3.06
C LYS A 235 22.35 -25.62 3.97
N SER A 236 22.71 -24.41 3.58
CA SER A 236 22.31 -23.24 4.36
C SER A 236 20.86 -22.92 4.03
N ILE A 237 20.18 -22.24 4.95
CA ILE A 237 18.83 -21.73 4.68
C ILE A 237 18.83 -20.93 3.34
N ALA A 238 19.82 -20.08 3.15
CA ALA A 238 19.89 -19.27 1.93
C ALA A 238 20.02 -20.10 0.65
N GLU A 239 20.89 -21.11 0.66
CA GLU A 239 21.04 -22.01 -0.48
C GLU A 239 19.74 -22.70 -0.82
N ILE A 240 19.04 -23.11 0.24
CA ILE A 240 17.75 -23.79 0.11
C ILE A 240 16.71 -22.85 -0.51
N VAL A 241 16.60 -21.64 0.04
CA VAL A 241 15.69 -20.60 -0.49
C VAL A 241 15.99 -20.31 -1.96
N HIS A 242 17.27 -20.15 -2.27
CA HIS A 242 17.64 -19.83 -3.62
C HIS A 242 17.25 -20.97 -4.57
N GLU A 243 17.52 -22.22 -4.18
CA GLU A 243 17.09 -23.36 -4.98
C GLU A 243 15.56 -23.46 -5.16
N MET A 244 14.83 -23.27 -4.07
CA MET A 244 13.36 -23.29 -4.14
C MET A 244 12.86 -22.41 -5.30
N PHE A 245 13.23 -21.14 -5.27
CA PHE A 245 12.76 -20.21 -6.29
C PHE A 245 13.25 -20.46 -7.72
N SER A 246 14.35 -21.21 -7.84
CA SER A 246 14.88 -21.59 -9.15
C SER A 246 13.85 -22.41 -9.91
N TYR A 247 12.87 -22.96 -9.20
CA TYR A 247 11.83 -23.77 -9.84
C TYR A 247 10.56 -22.98 -10.19
N ALA A 248 10.64 -21.65 -10.10
CA ALA A 248 9.46 -20.79 -10.28
C ALA A 248 9.69 -19.75 -11.38
N ASP A 249 8.60 -19.20 -11.92
CA ASP A 249 8.68 -18.14 -12.93
C ASP A 249 8.59 -16.74 -12.31
N GLY A 250 8.24 -16.71 -11.01
CA GLY A 250 8.07 -15.45 -10.32
C GLY A 250 7.44 -15.76 -8.97
N CYS A 251 7.18 -14.72 -8.17
CA CYS A 251 6.47 -14.94 -6.91
C CYS A 251 5.67 -13.74 -6.46
N THR A 252 4.69 -13.98 -5.58
CA THR A 252 4.10 -12.92 -4.78
C THR A 252 4.64 -13.11 -3.39
N MET A 253 4.88 -12.00 -2.71
CA MET A 253 5.39 -12.07 -1.37
C MET A 253 4.72 -11.04 -0.47
N SER A 254 4.14 -11.49 0.65
CA SER A 254 3.86 -10.60 1.77
C SER A 254 5.09 -10.59 2.68
N GLY A 255 5.81 -9.47 2.68
CA GLY A 255 7.02 -9.32 3.51
C GLY A 255 6.65 -9.29 4.99
N LYS A 256 5.39 -9.04 5.24
CA LYS A 256 4.81 -8.96 6.61
C LYS A 256 4.90 -10.27 7.36
N LYS A 257 5.27 -11.33 6.66
CA LYS A 257 5.54 -12.60 7.33
C LYS A 257 7.05 -12.82 7.46
N ASP A 258 7.62 -13.65 6.58
CA ASP A 258 8.99 -14.07 6.74
C ASP A 258 10.07 -12.98 6.51
N CYS A 259 9.73 -11.82 5.93
CA CYS A 259 10.70 -10.71 5.84
C CYS A 259 10.81 -9.90 7.15
N LEU A 260 10.14 -10.34 8.21
CA LEU A 260 10.34 -9.76 9.56
C LEU A 260 9.98 -8.27 9.65
N VAL A 261 8.93 -7.86 8.93
CA VAL A 261 8.52 -6.44 8.95
C VAL A 261 7.06 -6.27 9.32
N ASN A 262 6.67 -5.01 9.48
CA ASN A 262 5.33 -4.68 9.90
C ASN A 262 4.46 -4.27 8.71
N ILE A 263 5.11 -4.08 7.56
CA ILE A 263 4.43 -3.70 6.32
C ILE A 263 5.38 -4.01 5.19
N GLY A 264 4.84 -4.24 3.98
CA GLY A 264 5.73 -4.53 2.84
C GLY A 264 5.38 -5.82 2.07
N GLY A 265 5.59 -5.77 0.78
CA GLY A 265 5.55 -6.98 -0.04
C GLY A 265 6.18 -6.71 -1.38
N PHE A 266 6.13 -7.68 -2.27
CA PHE A 266 6.62 -7.46 -3.63
C PHE A 266 6.12 -8.54 -4.58
N LEU A 267 6.28 -8.25 -5.87
CA LEU A 267 6.02 -9.20 -6.94
C LEU A 267 7.35 -9.39 -7.66
N CYS A 268 7.77 -10.65 -7.85
CA CYS A 268 8.96 -10.93 -8.69
C CYS A 268 8.61 -11.69 -9.93
N MET A 269 9.40 -11.47 -10.97
CA MET A 269 9.27 -12.29 -12.18
C MET A 269 10.54 -12.25 -12.99
N ASN A 270 10.69 -13.27 -13.83
CA ASN A 270 11.81 -13.38 -14.74
C ASN A 270 11.47 -12.77 -16.11
N ASP A 271 10.20 -12.83 -16.52
CA ASP A 271 9.77 -12.37 -17.84
C ASP A 271 9.77 -10.83 -18.06
N ASP A 272 10.48 -10.37 -19.09
CA ASP A 272 10.66 -8.92 -19.32
C ASP A 272 9.37 -8.20 -19.69
N GLU A 273 8.54 -8.81 -20.54
CA GLU A 273 7.27 -8.17 -20.90
C GLU A 273 6.28 -8.12 -19.74
N MET A 274 6.27 -9.16 -18.91
CA MET A 274 5.42 -9.20 -17.71
C MET A 274 5.85 -8.11 -16.75
N PHE A 275 7.18 -7.92 -16.63
CA PHE A 275 7.76 -6.81 -15.83
C PHE A 275 7.29 -5.43 -16.32
N SER A 276 7.29 -5.23 -17.63
CA SER A 276 6.84 -3.94 -18.19
C SER A 276 5.39 -3.64 -17.88
N SER A 277 4.56 -4.66 -18.10
CA SER A 277 3.13 -4.60 -17.86
C SER A 277 2.86 -4.42 -16.37
N ALA A 278 3.67 -5.04 -15.52
CA ALA A 278 3.48 -4.92 -14.07
C ALA A 278 3.78 -3.50 -13.59
N LYS A 279 4.79 -2.88 -14.19
CA LYS A 279 5.13 -1.48 -13.87
C LYS A 279 4.01 -0.54 -14.31
N GLU A 280 3.40 -0.82 -15.44
CA GLU A 280 2.21 -0.10 -15.84
C GLU A 280 1.08 -0.21 -14.82
N LEU A 281 0.85 -1.41 -14.31
CA LEU A 281 -0.26 -1.64 -13.40
C LEU A 281 0.00 -1.16 -11.97
N VAL A 282 1.24 -1.30 -11.49
CA VAL A 282 1.57 -0.93 -10.12
C VAL A 282 1.23 0.54 -9.84
N VAL A 283 1.43 1.37 -10.87
CA VAL A 283 1.23 2.81 -10.75
CA VAL A 283 1.23 2.81 -10.77
C VAL A 283 -0.23 3.14 -10.41
N VAL A 284 -1.15 2.34 -10.94
CA VAL A 284 -2.58 2.55 -10.74
C VAL A 284 -2.98 2.28 -9.28
N TYR A 285 -2.46 1.19 -8.74
CA TYR A 285 -2.90 0.66 -7.45
C TYR A 285 -2.00 0.96 -6.28
N GLU A 286 -0.69 1.01 -6.53
CA GLU A 286 0.27 1.00 -5.41
C GLU A 286 1.11 2.28 -5.35
N GLY A 287 1.71 2.63 -6.49
CA GLY A 287 2.74 3.67 -6.54
C GLY A 287 3.67 3.39 -7.71
N MET A 288 4.64 4.29 -7.91
CA MET A 288 5.65 4.14 -8.93
C MET A 288 6.43 2.84 -8.68
N PRO A 289 6.95 2.21 -9.75
CA PRO A 289 7.73 0.97 -9.54
C PRO A 289 8.93 1.13 -8.59
N SER A 290 9.29 2.38 -8.28
CA SER A 290 10.46 2.67 -7.46
C SER A 290 10.13 2.74 -5.96
N TYR A 291 8.86 2.52 -5.58
CA TYR A 291 8.50 2.44 -4.15
C TYR A 291 7.25 1.55 -3.91
N GLY A 292 6.37 1.43 -4.89
CA GLY A 292 5.27 0.45 -4.79
C GLY A 292 4.36 0.59 -3.56
N GLY A 293 4.09 1.82 -3.15
CA GLY A 293 3.24 2.08 -1.99
C GLY A 293 3.89 1.88 -0.65
N LEU A 294 5.24 1.89 -0.63
CA LEU A 294 6.01 1.83 0.61
C LEU A 294 6.90 3.08 0.82
N ALA A 295 7.00 3.54 2.08
CA ALA A 295 8.07 4.47 2.46
C ALA A 295 9.43 3.85 2.14
N GLY A 296 10.42 4.69 1.82
CA GLY A 296 11.78 4.19 1.59
C GLY A 296 12.26 3.38 2.80
N ARG A 297 11.98 3.90 4.02
CA ARG A 297 12.46 3.24 5.23
C ARG A 297 11.87 1.81 5.33
N ASP A 298 10.67 1.57 4.79
CA ASP A 298 10.13 0.20 4.80
C ASP A 298 10.75 -0.74 3.75
N MET A 299 11.11 -0.19 2.61
CA MET A 299 11.86 -1.01 1.63
C MET A 299 13.18 -1.44 2.26
N GLU A 300 13.80 -0.50 2.98
CA GLU A 300 15.01 -0.76 3.74
C GLU A 300 14.82 -1.84 4.80
N ALA A 301 13.78 -1.71 5.65
CA ALA A 301 13.51 -2.69 6.71
C ALA A 301 13.26 -4.08 6.14
N MET A 302 12.56 -4.13 5.02
CA MET A 302 12.26 -5.40 4.38
C MET A 302 13.52 -6.04 3.74
N ALA A 303 14.38 -5.22 3.14
CA ALA A 303 15.67 -5.72 2.61
C ALA A 303 16.50 -6.31 3.74
N ILE A 304 16.55 -5.59 4.87
CA ILE A 304 17.36 -6.03 6.00
C ILE A 304 16.75 -7.30 6.62
N GLY A 305 15.44 -7.27 6.83
CA GLY A 305 14.68 -8.36 7.47
C GLY A 305 14.75 -9.67 6.68
N LEU A 306 14.62 -9.59 5.36
CA LEU A 306 14.72 -10.79 4.53
C LEU A 306 16.12 -11.47 4.70
N ARG A 307 17.19 -10.69 4.74
CA ARG A 307 18.52 -11.26 4.97
C ARG A 307 18.66 -11.83 6.42
N GLU A 308 18.12 -11.14 7.43
CA GLU A 308 18.13 -11.66 8.80
C GLU A 308 17.43 -13.01 8.87
N ALA A 309 16.38 -13.17 8.06
CA ALA A 309 15.59 -14.42 8.07
C ALA A 309 16.41 -15.64 7.65
N MET A 310 17.53 -15.42 6.94
CA MET A 310 18.39 -16.52 6.48
C MET A 310 19.27 -17.11 7.58
N GLN A 311 19.32 -16.48 8.74
CA GLN A 311 20.14 -16.97 9.85
C GLN A 311 19.48 -18.26 10.41
N TYR A 312 20.23 -19.36 10.30
CA TYR A 312 19.77 -20.68 10.73
C TYR A 312 19.17 -20.65 12.13
N GLU A 313 19.92 -20.11 13.11
CA GLU A 313 19.46 -20.18 14.49
C GLU A 313 18.16 -19.39 14.70
N TYR A 314 18.02 -18.28 13.97
CA TYR A 314 16.79 -17.48 14.03
C TYR A 314 15.59 -18.36 13.57
N ILE A 315 15.66 -18.97 12.39
CA ILE A 315 14.48 -19.68 11.87
C ILE A 315 14.26 -21.00 12.61
N GLU A 316 15.36 -21.68 13.00
CA GLU A 316 15.24 -22.88 13.85
C GLU A 316 14.44 -22.53 15.12
N HIS A 317 14.82 -21.45 15.80
CA HIS A 317 14.12 -21.06 17.04
C HIS A 317 12.68 -20.65 16.72
N ARG A 318 12.46 -19.92 15.62
CA ARG A 318 11.15 -19.44 15.25
C ARG A 318 10.20 -20.68 15.21
N VAL A 319 10.61 -21.67 14.43
CA VAL A 319 9.77 -22.85 14.14
C VAL A 319 9.63 -23.71 15.39
N LYS A 320 10.72 -23.86 16.15
CA LYS A 320 10.68 -24.69 17.36
C LYS A 320 9.85 -24.11 18.53
N GLN A 321 9.72 -22.79 18.57
CA GLN A 321 8.90 -22.11 19.58
C GLN A 321 7.45 -22.45 19.27
N VAL A 322 7.07 -22.40 17.99
CA VAL A 322 5.71 -22.84 17.60
C VAL A 322 5.49 -24.33 17.98
N ARG A 323 6.49 -25.14 17.65
CA ARG A 323 6.48 -26.54 17.96
C ARG A 323 6.32 -26.80 19.46
N TYR A 324 7.00 -26.04 20.30
CA TYR A 324 6.86 -26.13 21.76
C TYR A 324 5.39 -26.00 22.19
N LEU A 325 4.72 -24.97 21.65
CA LEU A 325 3.31 -24.74 21.99
C LEU A 325 2.48 -25.96 21.61
N GLY A 326 2.70 -26.44 20.39
CA GLY A 326 2.00 -27.63 19.90
C GLY A 326 2.24 -28.87 20.73
N ASP A 327 3.51 -29.11 21.08
CA ASP A 327 3.91 -30.22 21.94
C ASP A 327 3.20 -30.18 23.29
N LYS A 328 3.11 -29.00 23.91
CA LYS A 328 2.44 -28.90 25.21
C LYS A 328 0.95 -29.23 25.07
N LEU A 329 0.32 -28.64 24.07
CA LEU A 329 -1.11 -28.87 23.82
C LEU A 329 -1.36 -30.37 23.56
N LYS A 330 -0.58 -30.92 22.65
CA LYS A 330 -0.68 -32.34 22.30
C LYS A 330 -0.46 -33.29 23.50
N ALA A 331 0.54 -32.97 24.34
CA ALA A 331 0.79 -33.80 25.55
C ALA A 331 -0.40 -33.85 26.51
N ALA A 332 -1.16 -32.77 26.55
CA ALA A 332 -2.33 -32.71 27.42
C ALA A 332 -3.60 -33.26 26.72
N GLY A 333 -3.45 -33.70 25.48
CA GLY A 333 -4.57 -34.25 24.70
C GLY A 333 -5.47 -33.26 23.94
N VAL A 334 -5.07 -32.00 23.86
CA VAL A 334 -5.81 -31.00 23.09
C VAL A 334 -5.67 -31.33 21.58
N PRO A 335 -6.80 -31.42 20.85
CA PRO A 335 -6.74 -31.74 19.41
C PRO A 335 -6.20 -30.61 18.55
N ILE A 336 -5.19 -30.91 17.76
CA ILE A 336 -4.56 -29.91 16.90
C ILE A 336 -4.34 -30.48 15.52
N VAL A 337 -4.10 -29.60 14.56
CA VAL A 337 -3.55 -30.00 13.28
C VAL A 337 -2.13 -30.51 13.45
N GLU A 338 -1.83 -31.63 12.79
CA GLU A 338 -0.51 -32.22 12.84
C GLU A 338 0.05 -32.45 11.43
N PRO A 339 1.37 -32.44 11.27
CA PRO A 339 2.33 -32.00 12.29
C PRO A 339 2.24 -30.47 12.46
N VAL A 340 2.82 -29.96 13.53
CA VAL A 340 2.72 -28.52 13.78
C VAL A 340 3.46 -27.81 12.67
N GLY A 341 2.87 -26.73 12.16
CA GLY A 341 3.41 -25.95 11.05
C GLY A 341 4.44 -24.91 11.45
N GLY A 342 4.85 -24.08 10.49
CA GLY A 342 5.93 -23.13 10.70
C GLY A 342 5.59 -21.91 11.53
N HIS A 343 4.30 -21.50 11.57
CA HIS A 343 3.93 -20.14 12.05
C HIS A 343 2.86 -20.10 13.14
N ALA A 344 2.21 -21.22 13.38
CA ALA A 344 1.00 -21.26 14.23
C ALA A 344 0.69 -22.69 14.62
N VAL A 345 -0.05 -22.83 15.70
CA VAL A 345 -0.69 -24.04 16.08
C VAL A 345 -2.19 -23.83 15.78
N PHE A 346 -2.79 -24.84 15.13
CA PHE A 346 -4.18 -24.79 14.71
C PHE A 346 -4.93 -25.80 15.53
N LEU A 347 -5.76 -25.32 16.45
CA LEU A 347 -6.62 -26.21 17.22
C LEU A 347 -7.67 -26.79 16.27
N ASP A 348 -7.91 -28.10 16.33
CA ASP A 348 -8.86 -28.75 15.43
C ASP A 348 -10.26 -28.56 15.99
N ALA A 349 -10.92 -27.52 15.50
CA ALA A 349 -12.23 -27.08 15.96
C ALA A 349 -13.27 -28.20 15.89
N ARG A 350 -13.13 -29.10 14.89
CA ARG A 350 -14.08 -30.23 14.73
C ARG A 350 -14.08 -31.20 15.92
N ARG A 351 -12.87 -31.56 16.38
CA ARG A 351 -12.66 -32.41 17.55
C ARG A 351 -12.82 -31.62 18.86
N PHE A 352 -12.42 -30.35 18.87
CA PHE A 352 -12.53 -29.56 20.10
C PHE A 352 -14.03 -29.40 20.42
N CYS A 353 -14.81 -29.26 19.36
CA CYS A 353 -16.23 -29.00 19.48
C CYS A 353 -17.07 -30.02 18.73
N GLU A 354 -16.84 -31.31 19.01
CA GLU A 354 -17.59 -32.47 18.45
C GLU A 354 -19.11 -32.28 18.41
N HIS A 355 -19.62 -31.66 19.47
CA HIS A 355 -21.06 -31.43 19.69
C HIS A 355 -21.67 -30.42 18.68
N LEU A 356 -20.82 -29.68 17.97
CA LEU A 356 -21.23 -28.74 16.92
C LEU A 356 -21.05 -29.31 15.50
N THR A 357 -21.95 -28.91 14.59
CA THR A 357 -21.73 -29.11 13.15
C THR A 357 -20.95 -27.93 12.58
N GLN A 358 -20.23 -28.17 11.49
CA GLN A 358 -19.47 -27.11 10.82
C GLN A 358 -20.38 -25.95 10.45
N ASP A 359 -21.67 -26.21 10.22
CA ASP A 359 -22.64 -25.13 9.89
C ASP A 359 -22.90 -24.16 11.05
N GLU A 360 -22.55 -24.59 12.27
CA GLU A 360 -22.70 -23.80 13.50
C GLU A 360 -21.41 -23.06 13.85
N PHE A 361 -20.50 -23.01 12.87
CA PHE A 361 -19.20 -22.30 12.92
C PHE A 361 -18.34 -22.55 14.17
N PRO A 362 -18.03 -23.85 14.44
CA PRO A 362 -17.27 -24.21 15.66
C PRO A 362 -15.96 -23.46 15.83
N ALA A 363 -15.22 -23.26 14.73
CA ALA A 363 -13.94 -22.54 14.80
C ALA A 363 -14.11 -21.07 15.23
N GLN A 364 -14.99 -20.34 14.54
CA GLN A 364 -15.27 -18.95 14.87
C GLN A 364 -15.70 -18.91 16.35
N SER A 365 -16.49 -19.89 16.77
CA SER A 365 -16.98 -19.88 18.14
C SER A 365 -15.87 -20.11 19.17
N LEU A 366 -14.96 -21.02 18.82
CA LEU A 366 -13.89 -21.45 19.71
C LEU A 366 -12.94 -20.28 19.88
N ALA A 367 -12.70 -19.63 18.75
CA ALA A 367 -11.81 -18.45 18.73
C ALA A 367 -12.35 -17.49 19.78
N ALA A 368 -13.68 -17.27 19.77
CA ALA A 368 -14.39 -16.36 20.68
C ALA A 368 -14.24 -16.80 22.13
N SER A 369 -14.50 -18.08 22.36
CA SER A 369 -14.43 -18.67 23.70
C SER A 369 -12.99 -18.56 24.34
N ILE A 370 -11.96 -18.92 23.55
CA ILE A 370 -10.57 -18.69 23.97
C ILE A 370 -10.33 -17.24 24.39
N TYR A 371 -10.79 -16.28 23.57
CA TYR A 371 -10.65 -14.90 24.06
C TYR A 371 -11.35 -14.68 25.40
N VAL A 372 -12.50 -15.32 25.60
CA VAL A 372 -13.28 -14.94 26.79
C VAL A 372 -12.61 -15.46 28.07
N GLU A 373 -12.07 -16.69 27.98
CA GLU A 373 -11.43 -17.35 29.11
C GLU A 373 -9.97 -16.99 29.42
N THR A 374 -9.31 -16.37 28.47
CA THR A 374 -7.85 -16.23 28.56
C THR A 374 -7.35 -14.86 28.19
N GLY A 375 -8.18 -14.09 27.49
CA GLY A 375 -7.68 -12.87 26.81
C GLY A 375 -6.59 -13.09 25.74
N VAL A 376 -6.47 -14.32 25.21
CA VAL A 376 -5.58 -14.56 24.10
C VAL A 376 -6.43 -14.47 22.87
N ARG A 377 -5.95 -13.67 21.93
CA ARG A 377 -6.66 -13.58 20.67
C ARG A 377 -6.12 -14.60 19.71
N SER A 378 -7.02 -15.29 19.01
CA SER A 378 -6.71 -16.23 17.93
C SER A 378 -7.64 -16.02 16.69
N MET A 379 -7.33 -16.61 15.54
CA MET A 379 -8.13 -16.42 14.30
C MET A 379 -8.90 -17.67 13.79
N GLU A 380 -10.08 -17.43 13.23
CA GLU A 380 -10.88 -18.45 12.53
C GLU A 380 -10.13 -18.87 11.24
N ARG A 381 -9.96 -20.17 11.04
CA ARG A 381 -9.41 -20.70 9.78
C ARG A 381 -10.18 -21.97 9.39
N GLY A 382 -11.45 -21.78 9.06
CA GLY A 382 -12.35 -22.89 8.71
C GLY A 382 -13.39 -22.39 7.72
N ILE A 383 -14.63 -22.82 7.93
CA ILE A 383 -15.75 -22.53 7.03
C ILE A 383 -16.02 -21.01 6.75
N ILE A 384 -15.81 -20.14 7.75
CA ILE A 384 -16.04 -18.70 7.57
C ILE A 384 -14.99 -18.12 6.60
N SER A 385 -13.71 -18.37 6.86
CA SER A 385 -12.61 -17.90 6.00
C SER A 385 -12.73 -18.48 4.57
N ALA A 386 -13.24 -19.71 4.47
CA ALA A 386 -13.37 -20.39 3.18
C ALA A 386 -14.27 -19.66 2.17
N GLY A 387 -15.25 -18.90 2.70
CA GLY A 387 -16.14 -18.08 1.90
C GLY A 387 -17.22 -18.86 1.16
N ARG A 388 -17.97 -18.15 0.33
CA ARG A 388 -19.06 -18.73 -0.44
C ARG A 388 -18.50 -19.26 -1.75
N ASN A 389 -19.11 -20.33 -2.23
CA ASN A 389 -18.89 -20.83 -3.57
C ASN A 389 -19.53 -19.85 -4.59
N ASN A 390 -18.70 -19.25 -5.44
CA ASN A 390 -19.21 -18.22 -6.39
C ASN A 390 -20.07 -18.77 -7.56
N VAL A 391 -20.36 -20.07 -7.52
CA VAL A 391 -21.25 -20.72 -8.49
C VAL A 391 -22.58 -21.15 -7.86
N THR A 392 -22.52 -21.89 -6.75
CA THR A 392 -23.71 -22.38 -6.06
C THR A 392 -24.29 -21.37 -5.06
N GLY A 393 -23.40 -20.63 -4.40
CA GLY A 393 -23.80 -19.71 -3.32
C GLY A 393 -23.71 -20.31 -1.93
N GLU A 394 -23.42 -21.62 -1.86
CA GLU A 394 -23.28 -22.33 -0.58
C GLU A 394 -21.92 -21.98 0.05
N HIS A 395 -21.76 -22.18 1.36
CA HIS A 395 -20.41 -22.09 1.95
C HIS A 395 -19.53 -23.13 1.27
N HIS A 396 -18.27 -22.75 1.05
CA HIS A 396 -17.23 -23.76 0.86
C HIS A 396 -17.13 -24.53 2.19
N ARG A 397 -16.83 -25.82 2.11
CA ARG A 397 -16.75 -26.67 3.30
C ARG A 397 -15.37 -27.33 3.43
N PRO A 398 -14.40 -26.60 4.01
CA PRO A 398 -13.10 -27.22 4.20
C PRO A 398 -13.15 -28.31 5.28
N LYS A 399 -12.52 -29.44 5.00
CA LYS A 399 -12.35 -30.48 6.02
C LYS A 399 -11.63 -29.88 7.23
N LEU A 400 -10.69 -28.96 6.96
CA LEU A 400 -9.93 -28.25 7.99
C LEU A 400 -10.79 -27.11 8.57
N GLU A 401 -11.38 -27.39 9.73
CA GLU A 401 -12.12 -26.40 10.51
C GLU A 401 -11.26 -26.10 11.75
N THR A 402 -10.46 -25.06 11.66
CA THR A 402 -9.39 -24.86 12.64
C THR A 402 -9.37 -23.47 13.20
N VAL A 403 -8.72 -23.34 14.36
CA VAL A 403 -8.59 -22.08 15.09
C VAL A 403 -7.13 -21.85 15.37
N ARG A 404 -6.64 -20.71 14.87
CA ARG A 404 -5.22 -20.47 14.75
C ARG A 404 -4.60 -19.64 15.89
N LEU A 405 -3.62 -20.24 16.56
CA LEU A 405 -2.80 -19.55 17.54
C LEU A 405 -1.56 -19.15 16.77
N THR A 406 -1.54 -17.94 16.25
CA THR A 406 -0.55 -17.56 15.25
C THR A 406 0.55 -16.77 15.92
N ILE A 407 1.80 -17.17 15.70
CA ILE A 407 2.90 -16.59 16.47
C ILE A 407 3.69 -15.52 15.67
N PRO A 408 3.61 -14.24 16.07
CA PRO A 408 4.49 -13.23 15.44
C PRO A 408 5.96 -13.61 15.70
N ARG A 409 6.85 -13.29 14.76
CA ARG A 409 8.27 -13.60 14.90
C ARG A 409 8.96 -12.68 15.87
N ARG A 410 9.70 -13.29 16.82
CA ARG A 410 10.57 -12.58 17.76
C ARG A 410 9.85 -11.69 18.78
N VAL A 411 8.57 -11.96 19.05
CA VAL A 411 7.76 -11.15 19.97
C VAL A 411 7.55 -11.79 21.34
N TYR A 412 7.27 -13.09 21.32
CA TYR A 412 6.95 -13.84 22.53
C TYR A 412 8.05 -14.81 22.97
N THR A 413 7.94 -15.27 24.22
CA THR A 413 8.89 -16.21 24.83
C THR A 413 8.19 -17.56 25.08
N TYR A 414 8.94 -18.57 25.51
CA TYR A 414 8.34 -19.84 25.93
C TYR A 414 7.39 -19.69 27.11
N ALA A 415 7.65 -18.72 28.01
CA ALA A 415 6.77 -18.45 29.12
C ALA A 415 5.41 -17.97 28.62
N HIS A 416 5.42 -17.11 27.59
CA HIS A 416 4.13 -16.74 26.97
C HIS A 416 3.47 -17.97 26.34
N MET A 417 4.25 -18.83 25.70
CA MET A 417 3.68 -20.07 25.15
C MET A 417 3.00 -20.91 26.23
N ASP A 418 3.67 -21.02 27.39
CA ASP A 418 3.14 -21.71 28.55
C ASP A 418 1.84 -21.09 29.06
N VAL A 419 1.77 -19.76 29.13
CA VAL A 419 0.51 -19.09 29.51
C VAL A 419 -0.61 -19.49 28.52
N VAL A 420 -0.31 -19.42 27.23
CA VAL A 420 -1.30 -19.81 26.23
C VAL A 420 -1.74 -21.27 26.42
N ALA A 421 -0.77 -22.18 26.48
CA ALA A 421 -1.07 -23.59 26.58
C ALA A 421 -1.94 -23.93 27.82
N ASP A 422 -1.70 -23.26 28.97
CA ASP A 422 -2.47 -23.51 30.19
CA ASP A 422 -2.46 -23.47 30.21
C ASP A 422 -3.94 -23.14 30.05
N GLY A 423 -4.20 -21.99 29.46
CA GLY A 423 -5.54 -21.51 29.26
C GLY A 423 -6.30 -22.37 28.27
N ILE A 424 -5.62 -22.84 27.22
CA ILE A 424 -6.31 -23.63 26.20
C ILE A 424 -6.74 -24.96 26.81
N ILE A 425 -5.82 -25.53 27.58
CA ILE A 425 -6.04 -26.78 28.23
C ILE A 425 -7.29 -26.67 29.16
N LYS A 426 -7.34 -25.59 29.95
CA LYS A 426 -8.44 -25.35 30.85
C LYS A 426 -9.74 -25.24 30.05
N LEU A 427 -9.76 -24.42 29.00
CA LEU A 427 -10.95 -24.36 28.18
C LEU A 427 -11.38 -25.76 27.65
N TYR A 428 -10.41 -26.59 27.25
CA TYR A 428 -10.67 -27.97 26.76
C TYR A 428 -11.49 -28.81 27.75
N GLN A 429 -11.21 -28.62 29.04
CA GLN A 429 -11.92 -29.29 30.13
C GLN A 429 -13.42 -29.12 30.07
N HIS A 430 -13.87 -28.02 29.50
CA HIS A 430 -15.30 -27.77 29.43
C HIS A 430 -15.76 -27.41 27.99
N LYS A 431 -15.19 -28.08 27.02
CA LYS A 431 -15.40 -27.81 25.59
C LYS A 431 -16.89 -27.81 25.16
N GLU A 432 -17.71 -28.62 25.84
CA GLU A 432 -19.13 -28.76 25.52
C GLU A 432 -19.87 -27.46 25.72
N ASP A 433 -19.20 -26.49 26.36
CA ASP A 433 -19.76 -25.15 26.72
C ASP A 433 -19.70 -24.14 25.62
N ILE A 434 -19.05 -24.52 24.52
CA ILE A 434 -18.88 -23.66 23.36
C ILE A 434 -20.10 -23.84 22.47
N ARG A 435 -20.77 -22.71 22.19
CA ARG A 435 -22.08 -22.65 21.55
C ARG A 435 -22.00 -22.40 20.04
N GLY A 436 -22.94 -22.98 19.28
CA GLY A 436 -23.06 -22.69 17.86
C GLY A 436 -23.18 -21.18 17.58
N LEU A 437 -22.59 -20.72 16.46
CA LEU A 437 -22.78 -19.34 16.00
C LEU A 437 -23.59 -19.27 14.70
N LYS A 438 -24.27 -18.14 14.50
CA LYS A 438 -24.98 -17.81 13.25
C LYS A 438 -24.61 -16.37 12.82
N PHE A 439 -24.54 -16.14 11.51
CA PHE A 439 -24.30 -14.79 10.92
C PHE A 439 -25.40 -13.81 11.26
N ILE A 440 -25.01 -12.57 11.56
CA ILE A 440 -25.94 -11.44 11.60
C ILE A 440 -25.53 -10.37 10.59
N TYR A 441 -24.24 -10.31 10.29
CA TYR A 441 -23.78 -9.51 9.16
C TYR A 441 -22.78 -10.35 8.36
N GLU A 442 -23.06 -10.55 7.09
CA GLU A 442 -22.09 -11.22 6.22
C GLU A 442 -21.65 -10.30 5.06
N PRO A 443 -20.37 -9.87 5.06
CA PRO A 443 -19.77 -9.20 3.89
C PRO A 443 -19.84 -10.08 2.62
N LYS A 444 -19.86 -9.43 1.45
CA LYS A 444 -20.00 -10.13 0.16
C LYS A 444 -18.74 -10.89 -0.31
N GLN A 445 -17.58 -10.55 0.25
CA GLN A 445 -16.34 -11.32 0.00
C GLN A 445 -15.43 -11.19 1.21
N LEU A 446 -14.41 -12.06 1.28
CA LEU A 446 -13.48 -12.07 2.41
C LEU A 446 -14.21 -11.81 3.75
N ARG A 447 -15.33 -12.51 3.92
CA ARG A 447 -16.31 -12.23 4.99
C ARG A 447 -15.75 -12.36 6.40
N PHE A 448 -14.72 -13.20 6.57
CA PHE A 448 -14.19 -13.54 7.89
C PHE A 448 -13.61 -12.31 8.61
N PHE A 449 -13.09 -11.37 7.82
CA PHE A 449 -12.47 -10.15 8.36
C PHE A 449 -13.41 -9.33 9.26
N THR A 450 -14.63 -9.12 8.80
CA THR A 450 -15.54 -8.21 9.52
C THR A 450 -16.96 -8.75 9.70
N ALA A 451 -17.18 -10.02 9.41
CA ALA A 451 -18.50 -10.67 9.73
C ALA A 451 -18.86 -10.59 11.23
N ARG A 452 -20.16 -10.51 11.51
CA ARG A 452 -20.67 -10.55 12.88
C ARG A 452 -21.70 -11.66 13.02
N PHE A 453 -21.72 -12.25 14.20
CA PHE A 453 -22.52 -13.43 14.49
C PHE A 453 -23.29 -13.18 15.77
N ASP A 454 -24.24 -14.08 16.04
CA ASP A 454 -24.87 -14.13 17.35
C ASP A 454 -24.99 -15.60 17.73
N TYR A 455 -25.05 -15.93 19.01
CA TYR A 455 -25.14 -17.37 19.35
C TYR A 455 -26.48 -17.96 18.89
N ILE A 456 -26.46 -19.24 18.50
CA ILE A 456 -27.70 -19.94 18.07
C ILE A 456 -28.66 -20.24 19.24
N MET B 1 2.88 39.58 5.57
CA MET B 1 4.39 39.67 5.59
C MET B 1 5.00 38.63 4.65
N ASN B 2 5.88 39.10 3.76
CA ASN B 2 6.17 38.41 2.52
C ASN B 2 6.72 37.03 2.65
N TYR B 3 7.80 36.91 3.41
CA TYR B 3 8.48 35.63 3.52
C TYR B 3 8.89 35.45 4.98
N PRO B 4 8.06 34.70 5.74
CA PRO B 4 8.40 34.48 7.15
C PRO B 4 9.54 33.49 7.32
N ALA B 5 10.24 33.61 8.44
CA ALA B 5 11.24 32.60 8.79
C ALA B 5 10.53 31.26 9.05
N GLU B 6 11.27 30.16 8.97
CA GLU B 6 10.77 28.83 9.31
C GLU B 6 10.23 28.82 10.74
N PRO B 7 8.95 28.39 10.89
CA PRO B 7 8.36 28.36 12.23
C PRO B 7 8.69 27.05 12.91
N PHE B 8 9.94 26.61 12.71
CA PHE B 8 10.45 25.37 13.27
C PHE B 8 11.97 25.46 13.17
N ARG B 9 12.64 24.60 13.91
CA ARG B 9 14.09 24.48 13.76
C ARG B 9 14.41 23.05 13.31
N ILE B 10 15.67 22.83 12.96
CA ILE B 10 16.05 21.54 12.43
C ILE B 10 16.35 20.64 13.63
N LYS B 11 15.63 19.52 13.72
CA LYS B 11 15.92 18.51 14.74
C LYS B 11 17.03 17.57 14.27
N SER B 12 16.91 17.11 13.04
CA SER B 12 17.91 16.27 12.40
C SER B 12 18.07 16.54 10.89
N VAL B 13 19.25 16.23 10.37
CA VAL B 13 19.52 16.50 8.97
C VAL B 13 19.64 15.21 8.13
N GLU B 14 19.42 15.36 6.83
CA GLU B 14 19.63 14.31 5.87
C GLU B 14 20.90 14.64 5.09
N THR B 15 21.82 13.71 5.15
CA THR B 15 23.12 13.75 4.50
C THR B 15 22.94 13.80 2.99
N VAL B 16 23.69 14.69 2.33
CA VAL B 16 23.62 14.77 0.85
C VAL B 16 24.99 14.79 0.22
N SER B 17 25.07 14.35 -1.03
CA SER B 17 26.32 14.53 -1.78
C SER B 17 26.29 15.91 -2.39
N MET B 18 27.42 16.58 -2.23
CA MET B 18 27.60 17.91 -2.76
C MET B 18 28.49 17.78 -3.99
N ILE B 19 28.25 16.78 -4.84
CA ILE B 19 29.10 16.56 -6.03
C ILE B 19 29.04 17.79 -6.93
N PRO B 20 30.18 18.17 -7.52
CA PRO B 20 30.31 19.37 -8.35
C PRO B 20 29.74 19.20 -9.75
N ARG B 21 29.66 20.30 -10.48
CA ARG B 21 29.05 20.34 -11.81
C ARG B 21 29.55 19.25 -12.75
N ASP B 22 30.87 19.09 -12.86
CA ASP B 22 31.43 18.08 -13.79
C ASP B 22 30.93 16.67 -13.45
N GLU B 23 30.82 16.36 -12.16
CA GLU B 23 30.34 15.05 -11.74
C GLU B 23 28.84 14.94 -11.94
N ARG B 24 28.10 16.04 -11.68
CA ARG B 24 26.65 16.03 -11.99
C ARG B 24 26.42 15.78 -13.47
N LEU B 25 27.23 16.37 -14.33
CA LEU B 25 27.07 16.16 -15.77
C LEU B 25 27.22 14.65 -16.13
N LYS B 26 28.21 13.99 -15.55
CA LYS B 26 28.37 12.54 -15.75
C LYS B 26 27.16 11.74 -15.21
N LYS B 27 26.66 12.10 -14.04
CA LYS B 27 25.45 11.44 -13.53
C LYS B 27 24.26 11.65 -14.47
N MET B 28 24.07 12.89 -14.97
CA MET B 28 22.97 13.19 -15.90
C MET B 28 23.05 12.35 -17.17
N GLN B 29 24.27 12.22 -17.69
CA GLN B 29 24.51 11.43 -18.90
C GLN B 29 24.26 9.94 -18.63
N GLU B 30 24.72 9.45 -17.47
CA GLU B 30 24.46 8.03 -17.10
C GLU B 30 22.96 7.74 -16.94
N ALA B 31 22.20 8.78 -16.58
CA ALA B 31 20.74 8.75 -16.55
C ALA B 31 20.05 9.05 -17.89
N GLY B 32 20.81 9.08 -19.00
CA GLY B 32 20.25 9.35 -20.33
C GLY B 32 19.53 10.69 -20.39
N TYR B 33 20.02 11.67 -19.63
CA TYR B 33 19.40 13.00 -19.54
C TYR B 33 17.94 12.99 -19.09
N ASN B 34 17.56 11.93 -18.39
CA ASN B 34 16.21 11.85 -17.85
C ASN B 34 16.29 11.94 -16.34
N THR B 35 15.78 13.02 -15.77
CA THR B 35 15.92 13.20 -14.34
C THR B 35 15.20 12.12 -13.53
N PHE B 36 14.17 11.49 -14.11
CA PHE B 36 13.53 10.34 -13.43
C PHE B 36 14.49 9.18 -13.21
N LEU B 37 15.54 9.09 -14.01
CA LEU B 37 16.55 8.02 -13.86
C LEU B 37 17.69 8.29 -12.90
N LEU B 38 17.76 9.50 -12.35
CA LEU B 38 18.83 9.88 -11.43
C LEU B 38 18.73 9.14 -10.11
N ASN B 39 19.88 8.82 -9.53
CA ASN B 39 19.90 8.22 -8.19
C ASN B 39 19.66 9.28 -7.12
N SER B 40 18.80 8.99 -6.14
CA SER B 40 18.59 9.91 -5.04
C SER B 40 19.89 10.39 -4.36
N LYS B 41 20.83 9.46 -4.19
CA LYS B 41 22.11 9.72 -3.52
C LYS B 41 22.98 10.74 -4.30
N ASP B 42 22.61 10.99 -5.56
CA ASP B 42 23.34 11.94 -6.41
C ASP B 42 22.72 13.30 -6.51
N ILE B 43 21.68 13.53 -5.73
CA ILE B 43 20.91 14.75 -5.88
C ILE B 43 21.02 15.58 -4.59
N TYR B 44 21.25 16.87 -4.78
CA TYR B 44 21.38 17.80 -3.66
C TYR B 44 19.97 18.20 -3.19
N ILE B 45 19.19 18.75 -4.11
CA ILE B 45 17.85 19.24 -3.76
C ILE B 45 16.87 18.51 -4.66
N ASP B 46 15.97 17.71 -4.09
CA ASP B 46 15.14 16.86 -4.95
C ASP B 46 13.70 17.41 -5.01
N LEU B 47 13.40 18.09 -6.11
CA LEU B 47 12.09 18.71 -6.28
C LEU B 47 11.25 17.91 -7.28
N LEU B 48 11.54 16.63 -7.41
CA LEU B 48 10.72 15.76 -8.27
C LEU B 48 9.24 15.80 -7.88
N THR B 49 8.96 15.77 -6.59
CA THR B 49 7.59 15.72 -6.10
C THR B 49 7.51 16.14 -4.62
N ASP B 50 6.37 16.71 -4.25
CA ASP B 50 6.05 16.97 -2.85
C ASP B 50 5.30 15.78 -2.23
N SER B 51 5.22 14.65 -2.94
CA SER B 51 4.51 13.48 -2.40
C SER B 51 5.39 12.54 -1.61
N GLY B 52 5.15 12.45 -0.31
CA GLY B 52 5.79 11.41 0.50
C GLY B 52 7.20 11.80 0.88
N THR B 53 7.58 13.04 0.54
CA THR B 53 9.00 13.48 0.68
C THR B 53 9.15 14.46 1.87
N ASN B 54 8.06 14.63 2.63
CA ASN B 54 8.02 15.62 3.71
C ASN B 54 8.94 15.25 4.87
N ALA B 55 9.42 16.26 5.61
CA ALA B 55 10.17 16.04 6.85
C ALA B 55 9.16 16.00 7.97
N MET B 56 9.25 14.94 8.78
CA MET B 56 8.40 14.76 9.93
C MET B 56 8.93 15.53 11.14
N SER B 57 8.11 15.72 12.17
CA SER B 57 8.57 16.36 13.38
C SER B 57 9.14 15.37 14.41
N ASP B 58 9.80 15.91 15.44
CA ASP B 58 10.16 15.13 16.63
C ASP B 58 8.92 14.41 17.20
N LYS B 59 7.76 15.06 17.17
CA LYS B 59 6.53 14.51 17.74
C LYS B 59 6.08 13.32 16.92
N GLN B 60 6.17 13.45 15.60
CA GLN B 60 5.83 12.34 14.71
C GLN B 60 6.81 11.17 14.87
N TRP B 61 8.12 11.47 14.93
CA TRP B 61 9.10 10.45 15.23
C TRP B 61 8.89 9.73 16.58
N ALA B 62 8.40 10.45 17.60
CA ALA B 62 8.05 9.78 18.84
C ALA B 62 6.89 8.81 18.58
N GLY B 63 5.92 9.26 17.78
CA GLY B 63 4.78 8.43 17.36
C GLY B 63 5.23 7.18 16.60
N MET B 64 6.30 7.32 15.82
CA MET B 64 6.93 6.22 15.05
C MET B 64 7.47 5.09 15.93
N MET B 65 7.84 5.41 17.17
CA MET B 65 8.29 4.43 18.17
C MET B 65 7.13 3.80 18.95
N MET B 66 5.92 4.27 18.71
N MET B 66 5.93 4.29 18.69
CA MET B 66 4.76 3.77 19.45
CA MET B 66 4.71 3.88 19.37
C MET B 66 3.76 3.04 18.53
C MET B 66 3.73 3.13 18.45
N GLY B 67 4.28 2.44 17.46
CA GLY B 67 3.42 1.69 16.53
C GLY B 67 2.85 0.51 17.27
N ASP B 68 1.52 0.46 17.40
CA ASP B 68 0.80 -0.71 17.90
C ASP B 68 0.52 -1.53 16.61
N GLU B 69 1.28 -2.60 16.40
CA GLU B 69 1.29 -3.23 15.08
C GLU B 69 0.21 -4.31 14.91
N ALA B 70 -0.73 -4.36 15.84
CA ALA B 70 -1.81 -5.32 15.79
C ALA B 70 -2.54 -5.32 14.43
N TYR B 71 -2.98 -6.53 14.00
CA TYR B 71 -3.65 -6.69 12.73
C TYR B 71 -5.04 -6.02 12.72
N ALA B 72 -5.65 -5.93 13.90
CA ALA B 72 -6.96 -5.33 14.05
C ALA B 72 -7.00 -4.57 15.37
N GLY B 73 -7.68 -3.42 15.39
CA GLY B 73 -7.90 -2.78 16.69
C GLY B 73 -6.71 -2.00 17.26
N SER B 74 -5.77 -1.63 16.41
CA SER B 74 -4.57 -0.88 16.83
C SER B 74 -4.97 0.49 17.39
N GLU B 75 -4.35 0.86 18.51
CA GLU B 75 -4.52 2.18 19.12
C GLU B 75 -4.21 3.31 18.12
N ASN B 76 -3.31 3.07 17.18
CA ASN B 76 -2.94 4.09 16.21
C ASN B 76 -4.09 4.36 15.26
N PHE B 77 -4.84 3.31 14.92
CA PHE B 77 -5.98 3.52 14.04
C PHE B 77 -7.03 4.40 14.72
N TYR B 78 -7.32 4.11 15.99
CA TYR B 78 -8.30 4.90 16.71
C TYR B 78 -7.83 6.34 16.82
N HIS B 79 -6.53 6.56 17.05
CA HIS B 79 -5.99 7.94 17.02
CA HIS B 79 -5.95 7.93 17.00
C HIS B 79 -6.22 8.58 15.64
N LEU B 80 -5.84 7.89 14.57
CA LEU B 80 -6.11 8.43 13.25
C LEU B 80 -7.59 8.71 13.07
N GLU B 81 -8.42 7.76 13.45
CA GLU B 81 -9.86 7.88 13.25
C GLU B 81 -10.41 9.13 13.93
N ARG B 82 -10.08 9.31 15.19
CA ARG B 82 -10.66 10.43 15.90
C ARG B 82 -10.11 11.77 15.43
N THR B 83 -8.86 11.79 15.00
CA THR B 83 -8.25 12.99 14.43
C THR B 83 -8.96 13.43 13.15
N VAL B 84 -9.16 12.50 12.23
CA VAL B 84 -9.79 12.80 10.98
C VAL B 84 -11.28 13.20 11.18
N GLN B 85 -11.97 12.53 12.09
CA GLN B 85 -13.36 12.92 12.40
C GLN B 85 -13.41 14.31 12.95
N GLU B 86 -12.49 14.63 13.87
CA GLU B 86 -12.44 15.97 14.46
C GLU B 86 -12.11 17.03 13.41
N LEU B 87 -11.04 16.80 12.66
CA LEU B 87 -10.50 17.84 11.77
C LEU B 87 -11.26 17.99 10.44
N PHE B 88 -11.71 16.88 9.88
CA PHE B 88 -12.38 16.88 8.55
C PHE B 88 -13.89 16.82 8.72
N GLY B 89 -14.32 16.27 9.85
CA GLY B 89 -15.73 16.29 10.19
C GLY B 89 -16.52 15.26 9.42
N PHE B 90 -15.87 14.21 8.90
CA PHE B 90 -16.63 13.13 8.31
C PHE B 90 -17.01 12.10 9.37
N LYS B 91 -18.13 11.41 9.15
CA LYS B 91 -18.57 10.36 10.06
C LYS B 91 -17.63 9.16 10.09
N HIS B 92 -17.15 8.73 8.92
CA HIS B 92 -16.44 7.47 8.81
C HIS B 92 -15.14 7.63 8.06
N ILE B 93 -14.13 6.87 8.50
CA ILE B 93 -12.84 6.92 7.83
C ILE B 93 -12.28 5.52 7.67
N VAL B 94 -11.82 5.22 6.45
CA VAL B 94 -11.13 3.98 6.13
C VAL B 94 -9.69 4.33 5.71
N PRO B 95 -8.65 3.81 6.41
CA PRO B 95 -7.27 4.13 6.00
C PRO B 95 -6.91 3.36 4.73
N THR B 96 -5.99 3.92 3.94
CA THR B 96 -5.49 3.26 2.74
C THR B 96 -3.99 3.52 2.71
N HIS B 97 -3.21 2.78 1.91
CA HIS B 97 -1.77 2.99 1.98
C HIS B 97 -1.33 4.37 1.44
N GLN B 98 -2.14 4.94 0.52
CA GLN B 98 -1.97 6.31 0.06
C GLN B 98 -3.21 6.68 -0.75
N GLY B 99 -3.16 7.81 -1.44
CA GLY B 99 -4.35 8.39 -2.07
C GLY B 99 -4.98 7.48 -3.12
N ARG B 100 -4.18 6.93 -4.03
CA ARG B 100 -4.76 6.08 -5.09
C ARG B 100 -5.46 4.81 -4.60
N GLY B 101 -5.07 4.33 -3.41
CA GLY B 101 -5.81 3.23 -2.78
C GLY B 101 -7.22 3.66 -2.42
N ALA B 102 -7.36 4.87 -1.87
CA ALA B 102 -8.67 5.43 -1.55
C ALA B 102 -9.48 5.69 -2.80
N GLU B 103 -8.84 6.18 -3.85
CA GLU B 103 -9.52 6.40 -5.14
C GLU B 103 -10.04 5.12 -5.74
N ASN B 104 -9.24 4.04 -5.65
CA ASN B 104 -9.68 2.73 -6.09
C ASN B 104 -11.02 2.34 -5.46
N LEU B 105 -11.06 2.41 -4.14
CA LEU B 105 -12.25 2.09 -3.35
C LEU B 105 -13.42 2.99 -3.74
N LEU B 106 -13.20 4.31 -3.74
CA LEU B 106 -14.29 5.22 -4.02
C LEU B 106 -14.95 4.95 -5.38
N SER B 107 -14.14 4.80 -6.42
CA SER B 107 -14.69 4.69 -7.75
C SER B 107 -15.44 3.38 -7.98
N GLN B 108 -15.04 2.32 -7.28
CA GLN B 108 -15.73 1.03 -7.34
C GLN B 108 -17.05 1.11 -6.59
N LEU B 109 -17.08 1.90 -5.51
CA LEU B 109 -18.27 2.04 -4.67
C LEU B 109 -19.32 2.95 -5.29
N ALA B 110 -18.87 3.97 -6.01
CA ALA B 110 -19.72 5.12 -6.30
C ALA B 110 -20.12 5.31 -7.77
N ILE B 111 -19.70 4.38 -8.61
CA ILE B 111 -19.88 4.55 -10.05
C ILE B 111 -20.56 3.37 -10.68
N LYS B 112 -21.65 3.65 -11.40
CA LYS B 112 -22.25 2.69 -12.32
C LYS B 112 -21.71 2.99 -13.71
N PRO B 113 -21.40 1.93 -14.49
CA PRO B 113 -20.93 2.14 -15.86
C PRO B 113 -21.87 3.05 -16.66
N GLY B 114 -21.30 3.95 -17.45
CA GLY B 114 -22.09 4.90 -18.23
C GLY B 114 -22.26 6.25 -17.55
N GLN B 115 -22.06 6.29 -16.23
CA GLN B 115 -22.32 7.50 -15.47
C GLN B 115 -21.20 8.49 -15.71
N TYR B 116 -21.48 9.75 -15.41
CA TYR B 116 -20.50 10.82 -15.55
C TYR B 116 -19.88 11.13 -14.19
N VAL B 117 -18.58 11.41 -14.18
CA VAL B 117 -17.98 12.07 -13.04
C VAL B 117 -17.40 13.43 -13.50
N ALA B 118 -17.89 14.51 -12.93
CA ALA B 118 -17.47 15.84 -13.35
C ALA B 118 -16.51 16.42 -12.32
N GLY B 119 -15.45 17.09 -12.78
CA GLY B 119 -14.53 17.70 -11.83
C GLY B 119 -13.83 18.96 -12.28
N ASN B 120 -13.14 19.63 -11.36
CA ASN B 120 -12.32 20.78 -11.71
C ASN B 120 -10.97 20.28 -12.20
N MET B 121 -10.90 20.07 -13.51
CA MET B 121 -9.78 19.34 -14.10
C MET B 121 -9.69 17.94 -13.48
N TYR B 122 -8.50 17.37 -13.45
CA TYR B 122 -8.32 15.97 -13.03
C TYR B 122 -6.85 15.73 -12.70
N PHE B 123 -6.63 14.64 -11.97
CA PHE B 123 -5.33 14.08 -11.73
C PHE B 123 -5.34 12.67 -12.30
N THR B 124 -4.18 12.19 -12.75
CA THR B 124 -4.05 10.95 -13.51
C THR B 124 -4.64 9.68 -12.84
N THR B 125 -4.26 9.43 -11.59
CA THR B 125 -4.72 8.23 -10.88
C THR B 125 -6.23 8.33 -10.64
N THR B 126 -6.65 9.52 -10.22
CA THR B 126 -8.04 9.77 -9.85
C THR B 126 -8.96 9.53 -11.03
N ARG B 127 -8.63 10.15 -12.16
CA ARG B 127 -9.40 10.02 -13.37
C ARG B 127 -9.32 8.60 -13.91
N TYR B 128 -8.15 7.97 -13.86
CA TYR B 128 -8.02 6.57 -14.25
C TYR B 128 -9.03 5.64 -13.51
N HIS B 129 -9.13 5.77 -12.20
CA HIS B 129 -10.01 4.92 -11.39
C HIS B 129 -11.46 5.21 -11.67
N GLN B 130 -11.76 6.46 -11.97
CA GLN B 130 -13.13 6.82 -12.42
C GLN B 130 -13.49 6.11 -13.74
N GLU B 131 -12.60 6.19 -14.71
CA GLU B 131 -12.83 5.62 -16.03
C GLU B 131 -12.80 4.09 -16.05
N LYS B 132 -11.88 3.50 -15.29
CA LYS B 132 -11.76 2.05 -15.10
C LYS B 132 -13.10 1.45 -14.68
N ASN B 133 -13.82 2.20 -13.85
CA ASN B 133 -15.10 1.75 -13.31
C ASN B 133 -16.32 2.17 -14.14
N GLY B 134 -16.05 2.66 -15.34
CA GLY B 134 -17.09 2.96 -16.33
C GLY B 134 -17.53 4.41 -16.45
N ALA B 135 -16.91 5.33 -15.71
CA ALA B 135 -17.30 6.73 -15.78
C ALA B 135 -16.81 7.45 -17.01
N VAL B 136 -17.58 8.46 -17.44
CA VAL B 136 -17.12 9.41 -18.45
C VAL B 136 -16.72 10.69 -17.71
N PHE B 137 -15.47 11.10 -17.89
CA PHE B 137 -14.99 12.32 -17.25
C PHE B 137 -15.44 13.57 -18.00
N VAL B 138 -15.87 14.58 -17.23
CA VAL B 138 -16.29 15.89 -17.78
C VAL B 138 -15.59 16.97 -16.98
N ASP B 139 -14.83 17.83 -17.65
CA ASP B 139 -14.16 18.94 -16.99
C ASP B 139 -15.15 20.07 -16.76
N ILE B 140 -15.40 20.42 -15.51
CA ILE B 140 -16.27 21.57 -15.23
C ILE B 140 -15.55 22.75 -14.58
N VAL B 141 -14.21 22.77 -14.63
CA VAL B 141 -13.47 23.93 -14.11
C VAL B 141 -13.83 25.20 -14.94
N ARG B 142 -13.72 26.38 -14.33
CA ARG B 142 -13.81 27.67 -15.01
C ARG B 142 -12.79 27.72 -16.16
N ASP B 143 -13.20 28.27 -17.30
CA ASP B 143 -12.30 28.42 -18.47
C ASP B 143 -10.95 29.07 -18.16
N GLU B 144 -10.95 30.05 -17.25
CA GLU B 144 -9.73 30.73 -16.77
C GLU B 144 -8.61 29.80 -16.31
N ALA B 145 -8.98 28.68 -15.69
CA ALA B 145 -8.00 27.75 -15.19
C ALA B 145 -7.10 27.20 -16.32
N HIS B 146 -7.61 27.21 -17.55
CA HIS B 146 -6.84 26.69 -18.69
C HIS B 146 -5.91 27.75 -19.33
N ASP B 147 -6.03 29.00 -18.86
CA ASP B 147 -5.11 30.04 -19.28
C ASP B 147 -3.98 30.16 -18.24
N ALA B 148 -2.85 29.55 -18.55
CA ALA B 148 -1.75 29.41 -17.57
C ALA B 148 -1.04 30.73 -17.27
N GLY B 149 -1.36 31.79 -18.02
CA GLY B 149 -0.72 33.06 -17.81
C GLY B 149 -1.62 34.01 -17.06
N LEU B 150 -2.84 33.58 -16.78
CA LEU B 150 -3.83 34.46 -16.17
C LEU B 150 -3.67 34.52 -14.65
N ASN B 151 -3.31 35.69 -14.15
CA ASN B 151 -3.15 35.88 -12.72
C ASN B 151 -4.45 36.26 -12.02
N ILE B 152 -5.21 35.26 -11.59
CA ILE B 152 -6.48 35.50 -10.87
C ILE B 152 -6.59 34.56 -9.66
N ALA B 153 -7.31 35.01 -8.62
CA ALA B 153 -7.47 34.21 -7.41
C ALA B 153 -8.44 33.04 -7.65
N PHE B 154 -8.33 32.01 -6.82
CA PHE B 154 -9.28 30.89 -6.82
C PHE B 154 -9.54 30.33 -8.22
N LYS B 155 -8.43 30.16 -8.95
CA LYS B 155 -8.42 29.66 -10.30
C LYS B 155 -8.89 28.19 -10.38
N GLY B 156 -8.95 27.50 -9.25
CA GLY B 156 -9.43 26.11 -9.26
C GLY B 156 -10.95 25.94 -9.24
N ASP B 157 -11.66 27.05 -9.07
CA ASP B 157 -13.11 27.06 -8.93
C ASP B 157 -13.84 26.34 -10.06
N ILE B 158 -14.85 25.55 -9.69
CA ILE B 158 -15.76 24.96 -10.65
C ILE B 158 -16.69 26.03 -11.23
N ASP B 159 -16.94 25.96 -12.54
CA ASP B 159 -17.96 26.77 -13.19
C ASP B 159 -19.35 26.18 -12.93
N LEU B 160 -20.14 26.86 -12.10
CA LEU B 160 -21.47 26.37 -11.76
C LEU B 160 -22.35 26.20 -12.99
N LYS B 161 -22.11 27.02 -14.02
CA LYS B 161 -22.93 26.99 -15.23
C LYS B 161 -22.67 25.70 -15.99
N LYS B 162 -21.41 25.29 -16.00
CA LYS B 162 -21.01 24.02 -16.64
C LYS B 162 -21.64 22.85 -15.89
N LEU B 163 -21.62 22.91 -14.56
CA LEU B 163 -22.27 21.88 -13.73
C LEU B 163 -23.77 21.82 -14.00
N GLN B 164 -24.44 22.97 -13.93
CA GLN B 164 -25.85 23.06 -14.35
C GLN B 164 -26.10 22.45 -15.74
N LYS B 165 -25.23 22.77 -16.70
CA LYS B 165 -25.41 22.30 -18.09
C LYS B 165 -25.34 20.77 -18.16
N LEU B 166 -24.39 20.19 -17.43
CA LEU B 166 -24.27 18.75 -17.36
C LEU B 166 -25.52 18.12 -16.73
N ILE B 167 -26.02 18.71 -15.65
CA ILE B 167 -27.25 18.23 -15.01
C ILE B 167 -28.43 18.31 -15.95
N ASP B 168 -28.55 19.42 -16.67
CA ASP B 168 -29.68 19.64 -17.58
C ASP B 168 -29.65 18.70 -18.77
N GLU B 169 -28.45 18.46 -19.30
CA GLU B 169 -28.25 17.66 -20.51
C GLU B 169 -28.17 16.13 -20.32
N LYS B 170 -27.59 15.68 -19.20
CA LYS B 170 -27.42 14.24 -18.99
C LYS B 170 -28.38 13.67 -17.93
N GLY B 171 -28.86 14.54 -17.04
CA GLY B 171 -29.76 14.12 -15.97
C GLY B 171 -28.96 13.76 -14.73
N ALA B 172 -29.47 14.17 -13.58
CA ALA B 172 -28.85 13.92 -12.27
C ALA B 172 -28.60 12.43 -11.99
N GLU B 173 -29.59 11.60 -12.34
CA GLU B 173 -29.47 10.15 -12.14
C GLU B 173 -28.21 9.52 -12.80
N ASN B 174 -27.68 10.20 -13.81
CA ASN B 174 -26.58 9.68 -14.62
C ASN B 174 -25.23 10.29 -14.26
N ILE B 175 -25.21 11.06 -13.18
CA ILE B 175 -23.98 11.66 -12.65
C ILE B 175 -23.62 10.91 -11.35
N ALA B 176 -22.53 10.14 -11.42
CA ALA B 176 -22.05 9.37 -10.28
C ALA B 176 -21.72 10.31 -9.13
N TYR B 177 -20.85 11.28 -9.38
CA TYR B 177 -20.52 12.30 -8.39
C TYR B 177 -19.71 13.42 -9.02
N ILE B 178 -19.56 14.50 -8.25
CA ILE B 178 -18.67 15.59 -8.60
C ILE B 178 -17.41 15.35 -7.80
N CYS B 179 -16.28 15.38 -8.50
CA CYS B 179 -14.96 15.21 -7.93
C CYS B 179 -14.32 16.58 -7.82
N LEU B 180 -14.43 17.19 -6.65
CA LEU B 180 -13.88 18.52 -6.42
C LEU B 180 -12.51 18.42 -5.75
N ALA B 181 -11.47 18.85 -6.47
CA ALA B 181 -10.11 18.73 -5.99
C ALA B 181 -9.66 20.04 -5.35
N VAL B 182 -8.94 19.93 -4.24
CA VAL B 182 -8.36 21.07 -3.53
C VAL B 182 -6.91 20.72 -3.16
N THR B 183 -5.92 21.49 -3.60
CA THR B 183 -5.99 22.47 -4.69
C THR B 183 -6.11 21.71 -6.00
N VAL B 184 -6.05 22.42 -7.14
CA VAL B 184 -6.09 21.80 -8.46
C VAL B 184 -4.67 21.73 -9.00
N ASN B 185 -4.12 20.52 -8.90
CA ASN B 185 -2.75 20.18 -9.28
C ASN B 185 -2.43 20.53 -10.75
N LEU B 186 -3.27 20.08 -11.66
CA LEU B 186 -3.05 20.26 -13.09
C LEU B 186 -2.99 21.74 -13.54
N ALA B 187 -3.66 22.63 -12.79
CA ALA B 187 -3.63 24.06 -13.04
C ALA B 187 -2.44 24.79 -12.38
N GLY B 188 -1.55 24.01 -11.77
CA GLY B 188 -0.37 24.53 -11.06
C GLY B 188 -0.56 24.61 -9.56
N GLY B 189 -1.54 23.89 -9.02
CA GLY B 189 -1.89 23.94 -7.58
C GLY B 189 -2.75 25.13 -7.21
N GLN B 190 -3.83 25.32 -7.97
CA GLN B 190 -4.71 26.47 -7.75
C GLN B 190 -5.81 26.20 -6.72
N PRO B 191 -6.00 27.14 -5.77
CA PRO B 191 -7.02 26.95 -4.73
C PRO B 191 -8.45 27.08 -5.24
N VAL B 192 -9.39 26.51 -4.49
CA VAL B 192 -10.85 26.64 -4.69
C VAL B 192 -11.43 27.46 -3.52
N SER B 193 -12.31 28.41 -3.82
CA SER B 193 -12.90 29.26 -2.78
C SER B 193 -13.93 28.52 -1.94
N MET B 194 -14.12 28.95 -0.69
CA MET B 194 -15.21 28.41 0.11
C MET B 194 -16.57 28.69 -0.55
N ALA B 195 -16.71 29.87 -1.14
CA ALA B 195 -17.94 30.23 -1.88
C ALA B 195 -18.26 29.20 -2.95
N ASN B 196 -17.22 28.77 -3.67
CA ASN B 196 -17.42 27.78 -4.72
C ASN B 196 -17.84 26.42 -4.15
N MET B 197 -17.16 25.97 -3.08
CA MET B 197 -17.51 24.71 -2.45
C MET B 197 -18.95 24.69 -1.95
N ARG B 198 -19.37 25.80 -1.34
CA ARG B 198 -20.76 25.93 -0.94
C ARG B 198 -21.74 25.93 -2.11
N ALA B 199 -21.43 26.66 -3.18
CA ALA B 199 -22.34 26.74 -4.33
C ALA B 199 -22.50 25.36 -4.94
N VAL B 200 -21.39 24.65 -5.11
CA VAL B 200 -21.42 23.31 -5.66
C VAL B 200 -22.23 22.38 -4.73
N ARG B 201 -22.02 22.48 -3.41
CA ARG B 201 -22.76 21.61 -2.48
C ARG B 201 -24.24 21.86 -2.63
N GLU B 202 -24.60 23.13 -2.78
CA GLU B 202 -26.00 23.52 -2.79
C GLU B 202 -26.73 23.08 -4.05
N LEU B 203 -26.06 23.21 -5.19
CA LEU B 203 -26.62 22.74 -6.47
C LEU B 203 -26.77 21.20 -6.50
N THR B 204 -25.70 20.49 -6.17
CA THR B 204 -25.71 19.03 -6.19
C THR B 204 -26.74 18.47 -5.21
N GLU B 205 -26.78 19.02 -3.99
CA GLU B 205 -27.77 18.57 -2.97
C GLU B 205 -29.20 18.70 -3.45
N ALA B 206 -29.54 19.78 -4.18
CA ALA B 206 -30.88 19.95 -4.73
C ALA B 206 -31.24 18.85 -5.72
N HIS B 207 -30.23 18.24 -6.36
CA HIS B 207 -30.47 17.18 -7.36
C HIS B 207 -30.11 15.80 -6.84
N GLY B 208 -29.74 15.71 -5.55
CA GLY B 208 -29.30 14.46 -4.92
C GLY B 208 -28.01 13.87 -5.47
N ILE B 209 -27.16 14.72 -6.03
CA ILE B 209 -25.86 14.32 -6.54
C ILE B 209 -24.80 14.38 -5.43
N LYS B 210 -23.95 13.37 -5.38
CA LYS B 210 -22.90 13.30 -4.36
C LYS B 210 -21.69 14.12 -4.77
N VAL B 211 -20.96 14.61 -3.77
CA VAL B 211 -19.72 15.35 -3.98
C VAL B 211 -18.59 14.71 -3.16
N PHE B 212 -17.54 14.26 -3.84
CA PHE B 212 -16.39 13.74 -3.11
C PHE B 212 -15.17 14.58 -3.40
N TYR B 213 -14.45 14.99 -2.36
CA TYR B 213 -13.26 15.83 -2.59
C TYR B 213 -12.04 14.97 -2.86
N ASP B 214 -11.16 15.47 -3.73
CA ASP B 214 -9.81 14.93 -3.85
C ASP B 214 -9.03 15.93 -3.00
N ALA B 215 -8.79 15.54 -1.75
CA ALA B 215 -8.43 16.46 -0.66
C ALA B 215 -6.94 16.57 -0.44
N THR B 216 -6.17 16.00 -1.37
CA THR B 216 -4.73 15.86 -1.23
C THR B 216 -4.02 17.12 -0.70
N ARG B 217 -4.33 18.29 -1.24
CA ARG B 217 -3.67 19.51 -0.74
C ARG B 217 -4.71 20.47 -0.16
N CYS B 218 -5.63 19.90 0.61
CA CYS B 218 -6.71 20.68 1.23
C CYS B 218 -6.21 21.71 2.24
N VAL B 219 -5.04 21.49 2.83
CA VAL B 219 -4.52 22.46 3.83
C VAL B 219 -3.87 23.69 3.15
N GLU B 220 -3.06 23.45 2.12
CA GLU B 220 -2.63 24.57 1.28
C GLU B 220 -3.84 25.35 0.77
N ASN B 221 -4.86 24.62 0.33
CA ASN B 221 -6.12 25.28 -0.10
C ASN B 221 -6.71 26.17 0.97
N ALA B 222 -6.77 25.66 2.20
CA ALA B 222 -7.33 26.41 3.32
C ALA B 222 -6.50 27.64 3.59
N TYR B 223 -5.18 27.54 3.38
CA TYR B 223 -4.37 28.75 3.60
C TYR B 223 -4.75 29.86 2.58
N PHE B 224 -4.93 29.51 1.31
CA PHE B 224 -5.39 30.53 0.34
C PHE B 224 -6.70 31.19 0.71
N ILE B 225 -7.67 30.39 1.15
CA ILE B 225 -8.95 30.96 1.62
C ILE B 225 -8.68 31.93 2.76
N LYS B 226 -7.86 31.49 3.71
CA LYS B 226 -7.50 32.34 4.86
C LYS B 226 -6.89 33.68 4.41
N GLU B 227 -5.95 33.59 3.49
CA GLU B 227 -5.24 34.73 2.98
C GLU B 227 -6.09 35.64 2.10
N GLN B 228 -6.91 35.07 1.22
CA GLN B 228 -7.52 35.86 0.14
C GLN B 228 -9.05 35.94 0.07
N GLU B 229 -9.77 35.07 0.79
CA GLU B 229 -11.23 35.09 0.70
C GLU B 229 -11.83 35.98 1.78
N GLN B 230 -12.56 37.00 1.35
CA GLN B 230 -13.21 37.94 2.25
C GLN B 230 -13.96 37.21 3.35
N GLY B 231 -13.76 37.65 4.58
CA GLY B 231 -14.49 37.06 5.68
C GLY B 231 -13.90 35.85 6.37
N PHE B 232 -12.76 35.35 5.86
CA PHE B 232 -12.06 34.25 6.53
C PHE B 232 -10.88 34.73 7.37
N GLU B 233 -10.76 36.04 7.55
CA GLU B 233 -9.64 36.63 8.29
C GLU B 233 -9.60 36.31 9.80
N ASN B 234 -10.77 36.10 10.42
CA ASN B 234 -10.84 35.68 11.83
C ASN B 234 -10.93 34.14 12.04
N LYS B 235 -10.74 33.38 10.97
CA LYS B 235 -10.92 31.94 11.03
C LYS B 235 -9.56 31.25 11.15
N SER B 236 -9.53 30.17 11.92
CA SER B 236 -8.30 29.37 11.99
C SER B 236 -8.26 28.48 10.77
N ILE B 237 -7.07 27.96 10.46
CA ILE B 237 -6.91 26.94 9.43
C ILE B 237 -7.84 25.76 9.71
N ALA B 238 -7.86 25.27 10.97
CA ALA B 238 -8.75 24.16 11.33
C ALA B 238 -10.25 24.46 11.03
N GLU B 239 -10.70 25.68 11.32
CA GLU B 239 -12.09 26.09 11.06
C GLU B 239 -12.41 26.07 9.56
N ILE B 240 -11.43 26.48 8.77
CA ILE B 240 -11.60 26.58 7.31
C ILE B 240 -11.65 25.16 6.74
N VAL B 241 -10.71 24.33 7.15
CA VAL B 241 -10.66 22.90 6.74
C VAL B 241 -11.98 22.19 7.07
N HIS B 242 -12.45 22.37 8.31
CA HIS B 242 -13.67 21.73 8.74
C HIS B 242 -14.86 22.23 7.92
N GLU B 243 -14.92 23.54 7.65
CA GLU B 243 -16.00 24.06 6.81
C GLU B 243 -15.94 23.56 5.36
N MET B 244 -14.74 23.54 4.76
CA MET B 244 -14.56 22.97 3.42
C MET B 244 -15.23 21.60 3.30
N PHE B 245 -14.86 20.66 4.18
CA PHE B 245 -15.40 19.29 4.11
C PHE B 245 -16.89 19.15 4.48
N SER B 246 -17.44 20.18 5.12
CA SER B 246 -18.87 20.17 5.44
C SER B 246 -19.69 20.25 4.15
N TYR B 247 -19.03 20.63 3.06
CA TYR B 247 -19.68 20.71 1.74
C TYR B 247 -19.48 19.47 0.84
N ALA B 248 -19.00 18.38 1.45
CA ALA B 248 -18.77 17.14 0.72
C ALA B 248 -19.45 15.94 1.40
N ASP B 249 -19.66 14.89 0.61
CA ASP B 249 -20.15 13.61 1.09
C ASP B 249 -19.01 12.69 1.56
N GLY B 250 -17.79 13.09 1.26
CA GLY B 250 -16.63 12.32 1.65
C GLY B 250 -15.42 12.80 0.87
N CYS B 251 -14.32 12.06 0.97
CA CYS B 251 -13.09 12.44 0.28
C CYS B 251 -12.13 11.27 0.13
N THR B 252 -11.20 11.45 -0.80
CA THR B 252 -9.99 10.64 -0.92
C THR B 252 -8.84 11.55 -0.53
N MET B 253 -7.93 11.03 0.32
CA MET B 253 -6.89 11.86 0.84
C MET B 253 -5.57 11.12 0.69
N SER B 254 -4.56 11.84 0.19
CA SER B 254 -3.16 11.36 0.28
C SER B 254 -2.49 12.07 1.46
N GLY B 255 -2.20 11.32 2.54
CA GLY B 255 -1.46 11.90 3.65
C GLY B 255 -0.07 12.33 3.21
N LYS B 256 0.44 11.68 2.16
CA LYS B 256 1.77 11.94 1.62
C LYS B 256 1.94 13.38 1.15
N LYS B 257 0.83 14.11 1.02
CA LYS B 257 0.92 15.52 0.73
C LYS B 257 0.71 16.31 2.00
N ASP B 258 -0.51 16.81 2.22
CA ASP B 258 -0.74 17.72 3.32
C ASP B 258 -0.76 17.17 4.77
N CYS B 259 -0.77 15.86 4.97
CA CYS B 259 -0.61 15.28 6.32
C CYS B 259 0.86 15.11 6.75
N LEU B 260 1.80 15.57 5.93
CA LEU B 260 3.20 15.71 6.41
C LEU B 260 3.85 14.35 6.72
N VAL B 261 3.51 13.35 5.91
CA VAL B 261 4.07 12.02 6.06
C VAL B 261 4.71 11.50 4.78
N ASN B 262 5.38 10.36 4.92
CA ASN B 262 6.10 9.72 3.85
C ASN B 262 5.29 8.62 3.17
N ILE B 263 4.19 8.25 3.79
CA ILE B 263 3.30 7.20 3.25
C ILE B 263 1.98 7.33 4.01
N GLY B 264 0.87 6.93 3.41
CA GLY B 264 -0.40 7.01 4.13
C GLY B 264 -1.49 7.76 3.35
N GLY B 265 -2.73 7.32 3.51
CA GLY B 265 -3.88 8.03 2.94
C GLY B 265 -5.14 7.50 3.60
N PHE B 266 -6.29 7.98 3.15
CA PHE B 266 -7.53 7.45 3.68
C PHE B 266 -8.72 7.88 2.84
N LEU B 267 -9.81 7.16 3.06
CA LEU B 267 -11.10 7.42 2.45
C LEU B 267 -12.06 7.84 3.57
N CYS B 268 -12.79 8.94 3.37
CA CYS B 268 -13.84 9.40 4.30
C CYS B 268 -15.18 9.41 3.61
N MET B 269 -16.23 9.15 4.38
CA MET B 269 -17.58 9.34 3.89
C MET B 269 -18.55 9.52 5.07
N ASN B 270 -19.69 10.09 4.79
CA ASN B 270 -20.74 10.23 5.80
C ASN B 270 -21.76 9.12 5.76
N ASP B 271 -21.93 8.48 4.60
CA ASP B 271 -23.03 7.50 4.42
C ASP B 271 -22.69 6.15 5.05
N ASP B 272 -23.54 5.69 5.95
CA ASP B 272 -23.33 4.41 6.65
C ASP B 272 -23.22 3.23 5.70
N GLU B 273 -24.12 3.15 4.72
CA GLU B 273 -24.15 2.05 3.76
C GLU B 273 -22.87 2.02 2.90
N MET B 274 -22.42 3.20 2.47
CA MET B 274 -21.21 3.29 1.71
C MET B 274 -19.99 2.90 2.57
N PHE B 275 -20.00 3.31 3.85
CA PHE B 275 -18.93 2.96 4.79
C PHE B 275 -18.84 1.45 4.92
N SER B 276 -20.01 0.83 5.09
CA SER B 276 -20.10 -0.60 5.17
C SER B 276 -19.53 -1.30 3.91
N SER B 277 -19.97 -0.86 2.75
CA SER B 277 -19.44 -1.37 1.48
C SER B 277 -17.93 -1.09 1.33
N ALA B 278 -17.48 0.07 1.76
CA ALA B 278 -16.04 0.39 1.66
C ALA B 278 -15.19 -0.57 2.51
N LYS B 279 -15.71 -0.92 3.69
CA LYS B 279 -15.01 -1.84 4.59
C LYS B 279 -14.98 -3.24 3.98
N GLU B 280 -16.02 -3.58 3.23
CA GLU B 280 -16.02 -4.83 2.48
C GLU B 280 -14.96 -4.87 1.38
N LEU B 281 -14.65 -3.72 0.80
CA LEU B 281 -13.73 -3.71 -0.32
C LEU B 281 -12.27 -3.46 0.10
N VAL B 282 -12.05 -2.71 1.17
CA VAL B 282 -10.68 -2.36 1.56
C VAL B 282 -9.84 -3.61 1.84
N VAL B 283 -10.50 -4.68 2.30
CA VAL B 283 -9.81 -5.93 2.67
C VAL B 283 -9.25 -6.64 1.43
N VAL B 284 -9.87 -6.37 0.28
CA VAL B 284 -9.47 -6.94 -1.00
C VAL B 284 -8.11 -6.37 -1.45
N TYR B 285 -7.95 -5.07 -1.32
CA TYR B 285 -6.82 -4.39 -1.94
C TYR B 285 -5.79 -3.87 -0.96
N GLU B 286 -6.22 -3.47 0.22
CA GLU B 286 -5.36 -2.68 1.11
C GLU B 286 -5.02 -3.43 2.40
N GLY B 287 -6.07 -3.86 3.10
CA GLY B 287 -5.95 -4.48 4.42
C GLY B 287 -7.21 -4.19 5.22
N MET B 288 -7.11 -4.26 6.56
CA MET B 288 -8.27 -4.14 7.45
C MET B 288 -8.81 -2.75 7.51
N PRO B 289 -10.10 -2.63 7.81
CA PRO B 289 -10.59 -1.30 8.09
C PRO B 289 -9.77 -0.59 9.18
N SER B 290 -9.05 -1.35 10.01
CA SER B 290 -8.25 -0.73 11.08
C SER B 290 -6.72 -0.75 10.79
N TYR B 291 -6.32 -1.02 9.55
CA TYR B 291 -4.95 -0.64 9.17
C TYR B 291 -4.85 -0.20 7.71
N GLY B 292 -5.64 -0.81 6.83
CA GLY B 292 -5.74 -0.34 5.43
C GLY B 292 -4.41 -0.22 4.68
N GLY B 293 -3.53 -1.20 4.88
CA GLY B 293 -2.24 -1.24 4.19
C GLY B 293 -1.17 -0.36 4.78
N LEU B 294 -1.37 0.12 6.00
CA LEU B 294 -0.36 0.87 6.72
C LEU B 294 0.07 0.15 8.00
N ALA B 295 1.37 0.25 8.31
CA ALA B 295 1.89 -0.05 9.64
C ALA B 295 1.18 0.83 10.70
N GLY B 296 0.99 0.28 11.91
CA GLY B 296 0.44 1.06 13.03
C GLY B 296 1.18 2.39 13.19
N ARG B 297 2.50 2.35 13.12
CA ARG B 297 3.29 3.59 13.33
C ARG B 297 2.97 4.67 12.28
N ASP B 298 2.59 4.26 11.07
CA ASP B 298 2.23 5.25 10.04
C ASP B 298 0.85 5.86 10.22
N MET B 299 -0.10 5.10 10.73
CA MET B 299 -1.39 5.70 11.06
C MET B 299 -1.14 6.75 12.13
N GLU B 300 -0.21 6.45 13.04
CA GLU B 300 0.12 7.36 14.14
C GLU B 300 0.78 8.64 13.62
N ALA B 301 1.79 8.47 12.76
CA ALA B 301 2.50 9.60 12.17
C ALA B 301 1.53 10.48 11.36
N MET B 302 0.61 9.86 10.65
CA MET B 302 -0.31 10.63 9.83
C MET B 302 -1.34 11.35 10.71
N ALA B 303 -1.78 10.71 11.79
CA ALA B 303 -2.68 11.38 12.74
C ALA B 303 -2.04 12.62 13.34
N ILE B 304 -0.77 12.48 13.74
CA ILE B 304 -0.02 13.59 14.32
C ILE B 304 0.25 14.67 13.26
N GLY B 305 0.66 14.24 12.07
CA GLY B 305 1.00 15.17 10.98
C GLY B 305 -0.21 15.98 10.51
N LEU B 306 -1.38 15.36 10.42
CA LEU B 306 -2.56 16.11 9.97
C LEU B 306 -2.87 17.21 10.98
N ARG B 307 -2.70 16.92 12.27
CA ARG B 307 -2.93 17.95 13.28
C ARG B 307 -1.85 19.06 13.24
N GLU B 308 -0.59 18.70 12.98
CA GLU B 308 0.48 19.72 12.79
C GLU B 308 0.20 20.66 11.63
N ALA B 309 -0.42 20.13 10.58
CA ALA B 309 -0.71 20.89 9.36
C ALA B 309 -1.70 22.03 9.63
N MET B 310 -2.50 21.90 10.68
CA MET B 310 -3.43 22.97 11.10
C MET B 310 -2.78 24.24 11.64
N GLN B 311 -1.51 24.17 12.02
CA GLN B 311 -0.85 25.35 12.59
C GLN B 311 -0.71 26.43 11.52
N TYR B 312 -1.27 27.61 11.79
CA TYR B 312 -1.25 28.71 10.83
C TYR B 312 0.16 28.99 10.32
N GLU B 313 1.10 29.20 11.25
CA GLU B 313 2.47 29.63 10.86
C GLU B 313 3.13 28.57 9.97
N TYR B 314 2.88 27.28 10.24
CA TYR B 314 3.45 26.22 9.41
C TYR B 314 2.96 26.37 7.95
N ILE B 315 1.65 26.45 7.75
CA ILE B 315 1.12 26.41 6.39
C ILE B 315 1.35 27.74 5.67
N GLU B 316 1.34 28.83 6.44
CA GLU B 316 1.71 30.13 5.88
C GLU B 316 3.13 30.10 5.30
N HIS B 317 4.08 29.60 6.09
CA HIS B 317 5.46 29.48 5.61
C HIS B 317 5.56 28.49 4.43
N ARG B 318 4.83 27.37 4.51
CA ARG B 318 4.92 26.35 3.44
C ARG B 318 4.59 27.05 2.11
N VAL B 319 3.43 27.71 2.07
CA VAL B 319 2.91 28.33 0.84
C VAL B 319 3.79 29.53 0.43
N LYS B 320 4.24 30.31 1.40
CA LYS B 320 5.05 31.49 1.08
C LYS B 320 6.49 31.16 0.64
N GLN B 321 6.99 30.00 1.07
CA GLN B 321 8.29 29.50 0.58
C GLN B 321 8.23 29.16 -0.91
N VAL B 322 7.19 28.42 -1.31
CA VAL B 322 6.92 28.21 -2.74
C VAL B 322 6.77 29.56 -3.47
N ARG B 323 6.01 30.47 -2.86
CA ARG B 323 5.81 31.82 -3.41
C ARG B 323 7.13 32.56 -3.63
N TYR B 324 8.01 32.47 -2.65
CA TYR B 324 9.35 33.07 -2.74
C TYR B 324 10.08 32.64 -4.01
N LEU B 325 10.06 31.34 -4.28
CA LEU B 325 10.71 30.79 -5.47
C LEU B 325 10.06 31.32 -6.76
N GLY B 326 8.73 31.28 -6.80
CA GLY B 326 7.98 31.83 -7.93
C GLY B 326 8.24 33.31 -8.16
N ASP B 327 8.15 34.10 -7.09
CA ASP B 327 8.36 35.56 -7.18
C ASP B 327 9.73 35.89 -7.75
N LYS B 328 10.73 35.18 -7.24
CA LYS B 328 12.12 35.41 -7.62
C LYS B 328 12.36 35.11 -9.10
N LEU B 329 11.79 33.99 -9.57
CA LEU B 329 11.83 33.64 -10.98
C LEU B 329 11.10 34.69 -11.85
N LYS B 330 9.87 35.01 -11.46
CA LYS B 330 9.10 36.01 -12.20
C LYS B 330 9.81 37.36 -12.26
N ALA B 331 10.39 37.82 -11.15
CA ALA B 331 11.12 39.11 -11.15
C ALA B 331 12.25 39.12 -12.21
N ALA B 332 12.92 37.98 -12.39
CA ALA B 332 13.95 37.87 -13.42
C ALA B 332 13.39 37.64 -14.85
N GLY B 333 12.07 37.60 -15.02
CA GLY B 333 11.50 37.39 -16.37
C GLY B 333 11.34 35.91 -16.78
N VAL B 334 11.68 34.98 -15.88
CA VAL B 334 11.50 33.56 -16.13
C VAL B 334 10.02 33.18 -16.28
N PRO B 335 9.65 32.53 -17.40
CA PRO B 335 8.23 32.21 -17.65
C PRO B 335 7.72 31.08 -16.76
N ILE B 336 6.69 31.37 -15.96
CA ILE B 336 6.12 30.38 -15.05
C ILE B 336 4.60 30.33 -15.22
N VAL B 337 3.97 29.25 -14.75
CA VAL B 337 2.53 29.19 -14.69
C VAL B 337 2.13 30.16 -13.57
N GLU B 338 1.04 30.90 -13.79
CA GLU B 338 0.56 31.93 -12.85
C GLU B 338 -0.91 31.73 -12.43
N PRO B 339 -1.29 32.19 -11.21
CA PRO B 339 -0.35 32.57 -10.16
C PRO B 339 0.31 31.32 -9.59
N VAL B 340 1.36 31.51 -8.81
N VAL B 340 1.38 31.50 -8.82
CA VAL B 340 2.05 30.37 -8.21
CA VAL B 340 2.04 30.35 -8.22
C VAL B 340 1.09 29.65 -7.26
C VAL B 340 1.09 29.65 -7.26
N GLY B 341 1.08 28.32 -7.32
CA GLY B 341 0.18 27.49 -6.50
C GLY B 341 0.78 27.11 -5.14
N GLY B 342 0.13 26.17 -4.47
CA GLY B 342 0.52 25.87 -3.10
C GLY B 342 1.77 25.05 -2.89
N HIS B 343 2.17 24.26 -3.89
CA HIS B 343 3.08 23.13 -3.66
C HIS B 343 4.29 23.12 -4.60
N ALA B 344 4.22 23.91 -5.67
CA ALA B 344 5.17 23.82 -6.76
C ALA B 344 5.22 25.13 -7.55
N VAL B 345 6.30 25.31 -8.31
CA VAL B 345 6.38 26.33 -9.34
C VAL B 345 6.52 25.55 -10.65
N PHE B 346 5.75 25.92 -11.66
CA PHE B 346 5.85 25.27 -12.95
C PHE B 346 6.55 26.22 -13.94
N LEU B 347 7.72 25.85 -14.45
CA LEU B 347 8.37 26.61 -15.52
C LEU B 347 7.66 26.33 -16.84
N ASP B 348 7.37 27.38 -17.60
CA ASP B 348 6.88 27.20 -18.96
C ASP B 348 8.07 26.96 -19.90
N ALA B 349 8.40 25.69 -20.16
CA ALA B 349 9.57 25.34 -20.98
C ALA B 349 9.36 25.63 -22.46
N ARG B 350 8.10 25.68 -22.90
CA ARG B 350 7.80 26.15 -24.27
C ARG B 350 8.38 27.56 -24.50
N ARG B 351 8.14 28.45 -23.55
CA ARG B 351 8.58 29.84 -23.67
C ARG B 351 10.06 29.97 -23.27
N PHE B 352 10.47 29.21 -22.26
CA PHE B 352 11.85 29.22 -21.80
C PHE B 352 12.75 28.80 -22.98
N CYS B 353 12.36 27.73 -23.68
CA CYS B 353 13.16 27.23 -24.79
C CYS B 353 12.42 27.43 -26.11
N GLU B 354 12.13 28.68 -26.42
CA GLU B 354 11.44 29.09 -27.66
C GLU B 354 12.13 28.65 -28.95
N HIS B 355 13.45 28.47 -28.89
CA HIS B 355 14.25 28.09 -30.07
C HIS B 355 14.08 26.60 -30.40
N LEU B 356 13.45 25.85 -29.49
CA LEU B 356 13.28 24.42 -29.60
C LEU B 356 11.82 24.06 -29.94
N THR B 357 11.60 23.06 -30.78
CA THR B 357 10.24 22.60 -31.03
C THR B 357 9.83 21.60 -29.96
N GLN B 358 8.52 21.35 -29.83
CA GLN B 358 8.08 20.46 -28.76
C GLN B 358 8.68 19.05 -28.98
N ASP B 359 8.84 18.72 -30.26
CA ASP B 359 9.44 17.43 -30.64
C ASP B 359 10.89 17.24 -30.21
N GLU B 360 11.52 18.35 -29.80
CA GLU B 360 12.88 18.33 -29.24
C GLU B 360 12.89 18.32 -27.69
N PHE B 361 11.71 18.17 -27.10
CA PHE B 361 11.53 17.93 -25.67
C PHE B 361 12.14 19.03 -24.80
N PRO B 362 11.64 20.28 -24.97
CA PRO B 362 12.22 21.41 -24.22
C PRO B 362 12.14 21.20 -22.69
N ALA B 363 11.01 20.72 -22.17
CA ALA B 363 10.87 20.52 -20.72
C ALA B 363 11.83 19.44 -20.21
N GLN B 364 11.90 18.32 -20.93
CA GLN B 364 12.81 17.27 -20.54
C GLN B 364 14.24 17.82 -20.51
N SER B 365 14.60 18.56 -21.55
CA SER B 365 15.95 19.11 -21.64
C SER B 365 16.26 20.18 -20.59
N LEU B 366 15.31 21.06 -20.35
CA LEU B 366 15.46 22.07 -19.30
C LEU B 366 15.64 21.41 -17.92
N ALA B 367 14.84 20.38 -17.61
CA ALA B 367 15.02 19.67 -16.35
C ALA B 367 16.43 19.08 -16.26
N ALA B 368 16.97 18.60 -17.38
CA ALA B 368 18.34 18.06 -17.38
C ALA B 368 19.36 19.18 -17.11
N SER B 369 19.20 20.31 -17.80
CA SER B 369 20.03 21.50 -17.55
C SER B 369 20.04 21.94 -16.08
N ILE B 370 18.85 21.99 -15.48
CA ILE B 370 18.72 22.43 -14.11
C ILE B 370 19.54 21.52 -13.16
N TYR B 371 19.45 20.21 -13.36
CA TYR B 371 20.17 19.30 -12.46
C TYR B 371 21.68 19.54 -12.66
N VAL B 372 22.10 19.57 -13.90
CA VAL B 372 23.53 19.78 -14.17
C VAL B 372 24.05 21.08 -13.54
N GLU B 373 23.28 22.16 -13.64
CA GLU B 373 23.82 23.45 -13.17
C GLU B 373 23.74 23.63 -11.65
N THR B 374 22.87 22.86 -10.98
CA THR B 374 22.57 23.14 -9.56
C THR B 374 22.50 21.96 -8.61
N GLY B 375 22.40 20.73 -9.12
CA GLY B 375 22.13 19.61 -8.24
C GLY B 375 20.66 19.46 -7.87
N VAL B 376 19.78 20.19 -8.56
CA VAL B 376 18.35 20.17 -8.29
C VAL B 376 17.67 19.26 -9.28
N ARG B 377 16.87 18.30 -8.79
CA ARG B 377 16.03 17.49 -9.66
C ARG B 377 14.63 18.08 -9.74
N SER B 378 14.12 18.22 -10.96
CA SER B 378 12.75 18.68 -11.19
C SER B 378 12.08 17.65 -12.10
N MET B 379 10.76 17.72 -12.23
CA MET B 379 10.00 16.74 -13.04
C MET B 379 9.55 17.30 -14.39
N GLU B 380 9.84 16.55 -15.46
CA GLU B 380 9.24 16.84 -16.77
C GLU B 380 7.69 16.60 -16.68
N ARG B 381 6.92 17.62 -17.02
CA ARG B 381 5.48 17.53 -17.16
C ARG B 381 5.14 18.21 -18.51
N GLY B 382 5.53 17.53 -19.59
CA GLY B 382 5.36 18.06 -20.94
C GLY B 382 5.09 16.91 -21.88
N ILE B 383 5.56 17.03 -23.11
CA ILE B 383 5.32 16.04 -24.15
C ILE B 383 5.79 14.61 -23.74
N ILE B 384 6.89 14.48 -22.98
CA ILE B 384 7.40 13.12 -22.65
C ILE B 384 6.41 12.40 -21.75
N SER B 385 6.04 13.06 -20.65
CA SER B 385 5.01 12.50 -19.75
C SER B 385 3.67 12.25 -20.39
N ALA B 386 3.33 13.02 -21.43
CA ALA B 386 2.05 12.87 -22.10
C ALA B 386 1.94 11.51 -22.79
N GLY B 387 3.09 11.00 -23.22
CA GLY B 387 3.15 9.68 -23.84
C GLY B 387 2.83 9.71 -25.34
N ARG B 388 2.86 8.51 -25.93
CA ARG B 388 2.68 8.35 -27.35
C ARG B 388 1.35 7.67 -27.55
N ASN B 389 0.57 8.17 -28.51
CA ASN B 389 -0.69 7.57 -28.94
C ASN B 389 -0.37 6.20 -29.51
N ASN B 390 -0.92 5.16 -28.90
CA ASN B 390 -0.64 3.78 -29.33
C ASN B 390 -1.30 3.43 -30.66
N VAL B 391 -2.47 4.02 -30.90
CA VAL B 391 -3.21 3.83 -32.16
C VAL B 391 -2.41 4.39 -33.37
N THR B 392 -1.96 5.64 -33.25
CA THR B 392 -1.38 6.35 -34.39
C THR B 392 0.15 6.36 -34.37
N GLY B 393 0.74 6.22 -33.19
CA GLY B 393 2.20 6.32 -33.03
C GLY B 393 2.71 7.76 -32.92
N GLU B 394 1.80 8.72 -32.93
CA GLU B 394 2.14 10.12 -32.76
C GLU B 394 2.28 10.43 -31.27
N HIS B 395 3.18 11.35 -30.92
CA HIS B 395 3.18 11.94 -29.58
C HIS B 395 1.79 12.47 -29.24
N HIS B 396 1.42 12.36 -27.97
CA HIS B 396 0.42 13.25 -27.43
C HIS B 396 1.13 14.57 -27.16
N ARG B 397 0.52 15.63 -27.69
CA ARG B 397 1.12 16.96 -27.65
C ARG B 397 0.33 17.83 -26.67
N PRO B 398 0.81 17.94 -25.43
CA PRO B 398 0.05 18.75 -24.48
C PRO B 398 0.26 20.26 -24.68
N LYS B 399 -0.80 21.04 -24.42
CA LYS B 399 -0.64 22.48 -24.39
C LYS B 399 0.40 22.87 -23.33
N LEU B 400 0.41 22.18 -22.20
CA LEU B 400 1.39 22.50 -21.15
C LEU B 400 2.68 21.74 -21.37
N GLU B 401 3.76 22.50 -21.62
CA GLU B 401 5.09 21.93 -21.76
C GLU B 401 5.88 22.54 -20.61
N THR B 402 5.91 21.83 -19.49
CA THR B 402 6.40 22.40 -18.25
C THR B 402 7.44 21.54 -17.51
N VAL B 403 8.22 22.24 -16.68
CA VAL B 403 9.09 21.60 -15.70
C VAL B 403 8.55 21.95 -14.31
N ARG B 404 8.29 20.93 -13.50
CA ARG B 404 7.68 21.16 -12.20
C ARG B 404 8.76 21.16 -11.10
N LEU B 405 8.84 22.27 -10.38
CA LEU B 405 9.69 22.39 -9.22
C LEU B 405 8.78 22.18 -8.01
N THR B 406 8.68 20.91 -7.57
CA THR B 406 7.68 20.52 -6.59
C THR B 406 8.35 20.52 -5.22
N ILE B 407 7.76 21.25 -4.26
CA ILE B 407 8.46 21.49 -2.98
C ILE B 407 7.99 20.57 -1.84
N PRO B 408 8.84 19.62 -1.39
CA PRO B 408 8.44 18.89 -0.19
C PRO B 408 8.28 19.81 1.02
N ARG B 409 7.38 19.43 1.93
CA ARG B 409 7.14 20.23 3.13
C ARG B 409 8.18 20.03 4.20
N ARG B 410 8.73 21.17 4.68
CA ARG B 410 9.67 21.29 5.82
C ARG B 410 11.06 20.67 5.58
N VAL B 411 11.40 20.43 4.32
CA VAL B 411 12.69 19.82 3.94
C VAL B 411 13.79 20.83 3.58
N TYR B 412 13.39 21.91 2.90
CA TYR B 412 14.31 22.89 2.34
C TYR B 412 14.16 24.27 2.98
N THR B 413 15.17 25.11 2.75
CA THR B 413 15.16 26.48 3.25
C THR B 413 15.04 27.48 2.09
N TYR B 414 14.97 28.78 2.42
CA TYR B 414 15.01 29.81 1.37
C TYR B 414 16.37 29.85 0.67
N ALA B 415 17.45 29.50 1.36
CA ALA B 415 18.75 29.33 0.69
C ALA B 415 18.72 28.22 -0.38
N HIS B 416 18.05 27.09 -0.11
CA HIS B 416 17.85 26.07 -1.18
C HIS B 416 17.01 26.62 -2.34
N MET B 417 15.97 27.37 -2.01
CA MET B 417 15.17 28.09 -2.99
C MET B 417 16.03 29.03 -3.83
N ASP B 418 17.01 29.70 -3.21
CA ASP B 418 17.95 30.53 -3.98
C ASP B 418 18.82 29.70 -4.93
N VAL B 419 19.35 28.57 -4.44
CA VAL B 419 20.11 27.65 -5.31
C VAL B 419 19.33 27.37 -6.59
N VAL B 420 18.08 26.96 -6.42
CA VAL B 420 17.18 26.65 -7.53
C VAL B 420 16.97 27.88 -8.39
N ALA B 421 16.55 28.98 -7.77
CA ALA B 421 16.24 30.21 -8.52
C ALA B 421 17.46 30.75 -9.27
N ASP B 422 18.60 30.86 -8.58
CA ASP B 422 19.77 31.50 -9.17
C ASP B 422 20.23 30.71 -10.38
N GLY B 423 20.16 29.39 -10.26
CA GLY B 423 20.58 28.50 -11.34
C GLY B 423 19.68 28.59 -12.56
N ILE B 424 18.37 28.63 -12.31
CA ILE B 424 17.41 28.74 -13.40
C ILE B 424 17.53 30.12 -14.06
N ILE B 425 17.67 31.15 -13.24
CA ILE B 425 17.86 32.52 -13.75
C ILE B 425 19.13 32.61 -14.61
N LYS B 426 20.22 32.01 -14.14
CA LYS B 426 21.45 31.96 -14.94
C LYS B 426 21.27 31.22 -16.26
N LEU B 427 20.60 30.07 -16.23
CA LEU B 427 20.25 29.38 -17.48
C LEU B 427 19.38 30.22 -18.43
N TYR B 428 18.41 30.94 -17.85
CA TYR B 428 17.49 31.78 -18.63
C TYR B 428 18.22 32.90 -19.40
N GLN B 429 19.22 33.49 -18.74
CA GLN B 429 20.03 34.55 -19.34
C GLN B 429 20.87 34.12 -20.54
N HIS B 430 21.00 32.81 -20.74
CA HIS B 430 21.52 32.31 -22.02
C HIS B 430 20.72 31.10 -22.52
N LYS B 431 19.39 31.22 -22.48
CA LYS B 431 18.48 30.12 -22.76
C LYS B 431 18.63 29.50 -24.14
N GLU B 432 19.06 30.33 -25.10
CA GLU B 432 19.32 29.91 -26.49
C GLU B 432 20.30 28.76 -26.59
N ASP B 433 21.17 28.63 -25.60
CA ASP B 433 22.20 27.57 -25.58
C ASP B 433 21.69 26.19 -25.18
N ILE B 434 20.45 26.08 -24.69
CA ILE B 434 19.89 24.80 -24.23
C ILE B 434 19.59 23.97 -25.47
N ARG B 435 20.14 22.77 -25.49
CA ARG B 435 20.05 21.92 -26.66
C ARG B 435 18.82 21.05 -26.64
N GLY B 436 18.30 20.75 -27.81
CA GLY B 436 17.20 19.79 -27.96
C GLY B 436 17.66 18.39 -27.62
N LEU B 437 16.70 17.55 -27.24
CA LEU B 437 16.95 16.14 -26.96
C LEU B 437 16.28 15.21 -27.98
N LYS B 438 16.85 14.02 -28.17
CA LYS B 438 16.24 12.98 -29.01
C LYS B 438 16.21 11.66 -28.23
N PHE B 439 15.19 10.82 -28.45
CA PHE B 439 15.14 9.49 -27.86
C PHE B 439 16.34 8.67 -28.30
N ILE B 440 16.96 7.97 -27.36
CA ILE B 440 17.86 6.88 -27.71
C ILE B 440 17.32 5.54 -27.20
N TYR B 441 16.44 5.58 -26.19
CA TYR B 441 15.68 4.39 -25.79
C TYR B 441 14.31 4.87 -25.36
N GLU B 442 13.27 4.27 -25.92
CA GLU B 442 11.92 4.66 -25.55
C GLU B 442 11.11 3.41 -25.25
N PRO B 443 10.66 3.25 -23.99
CA PRO B 443 9.78 2.11 -23.73
C PRO B 443 8.41 2.34 -24.35
N LYS B 444 7.64 1.27 -24.48
CA LYS B 444 6.31 1.33 -25.05
C LYS B 444 5.30 2.03 -24.11
N GLN B 445 5.51 1.83 -22.81
N GLN B 445 5.49 1.86 -22.82
CA GLN B 445 4.65 2.35 -21.75
CA GLN B 445 4.59 2.47 -21.85
C GLN B 445 5.45 3.15 -20.75
C GLN B 445 5.39 3.06 -20.70
N LEU B 446 4.76 3.99 -19.98
CA LEU B 446 5.39 4.71 -18.87
C LEU B 446 6.73 5.31 -19.31
N ARG B 447 6.75 5.98 -20.47
CA ARG B 447 8.01 6.36 -21.11
C ARG B 447 8.80 7.36 -20.29
N PHE B 448 8.08 8.23 -19.58
CA PHE B 448 8.72 9.24 -18.77
C PHE B 448 9.63 8.65 -17.69
N PHE B 449 9.32 7.42 -17.26
CA PHE B 449 10.00 6.78 -16.11
C PHE B 449 11.39 6.26 -16.53
N THR B 450 11.49 5.73 -17.75
CA THR B 450 12.71 5.03 -18.12
C THR B 450 13.34 5.42 -19.45
N ALA B 451 12.72 6.33 -20.21
CA ALA B 451 13.27 6.72 -21.51
C ALA B 451 14.65 7.35 -21.34
N ARG B 452 15.52 7.12 -22.33
CA ARG B 452 16.85 7.73 -22.36
C ARG B 452 17.00 8.61 -23.59
N PHE B 453 17.79 9.67 -23.45
CA PHE B 453 17.94 10.68 -24.50
C PHE B 453 19.41 10.99 -24.76
N ASP B 454 19.67 11.64 -25.89
CA ASP B 454 20.94 12.31 -26.14
C ASP B 454 20.60 13.66 -26.79
N TYR B 455 21.56 14.59 -26.76
CA TYR B 455 21.40 15.89 -27.39
C TYR B 455 21.36 15.77 -28.88
N ILE B 456 20.57 16.63 -29.50
CA ILE B 456 20.49 16.66 -30.95
C ILE B 456 21.81 17.14 -31.56
#